data_6AHX
# 
_entry.id   6AHX 
# 
_audit_conform.dict_name       mmcif_pdbx.dic 
_audit_conform.dict_version    5.397 
_audit_conform.dict_location   http://mmcif.pdb.org/dictionaries/ascii/mmcif_pdbx.dic 
# 
loop_
_database_2.database_id 
_database_2.database_code 
_database_2.pdbx_database_accession 
_database_2.pdbx_DOI 
PDB   6AHX         pdb_00006ahx 10.2210/pdb6ahx/pdb 
WWPDB D_1300008808 ?            ?                   
# 
loop_
_pdbx_audit_revision_history.ordinal 
_pdbx_audit_revision_history.data_content_type 
_pdbx_audit_revision_history.major_revision 
_pdbx_audit_revision_history.minor_revision 
_pdbx_audit_revision_history.revision_date 
1 'Structure model' 1 0 2019-10-23 
2 'Structure model' 1 1 2020-05-20 
3 'Structure model' 1 2 2020-07-01 
4 'Structure model' 1 3 2023-11-22 
5 'Structure model' 1 4 2024-10-23 
# 
_pdbx_audit_revision_details.ordinal             1 
_pdbx_audit_revision_details.revision_ordinal    1 
_pdbx_audit_revision_details.data_content_type   'Structure model' 
_pdbx_audit_revision_details.provider            repository 
_pdbx_audit_revision_details.type                'Initial release' 
_pdbx_audit_revision_details.description         ? 
_pdbx_audit_revision_details.details             ? 
# 
loop_
_pdbx_audit_revision_group.ordinal 
_pdbx_audit_revision_group.revision_ordinal 
_pdbx_audit_revision_group.data_content_type 
_pdbx_audit_revision_group.group 
1 2 'Structure model' 'Author supporting evidence' 
2 3 'Structure model' 'Source and taxonomy'        
3 4 'Structure model' 'Data collection'            
4 4 'Structure model' 'Database references'        
5 4 'Structure model' 'Refinement description'     
6 5 'Structure model' 'Structure summary'          
# 
loop_
_pdbx_audit_revision_category.ordinal 
_pdbx_audit_revision_category.revision_ordinal 
_pdbx_audit_revision_category.data_content_type 
_pdbx_audit_revision_category.category 
1 2 'Structure model' pdbx_audit_support            
2 3 'Structure model' entity_src_gen                
3 4 'Structure model' chem_comp_atom                
4 4 'Structure model' chem_comp_bond                
5 4 'Structure model' database_2                    
6 4 'Structure model' pdbx_initial_refinement_model 
7 5 'Structure model' pdbx_entry_details            
8 5 'Structure model' pdbx_modification_feature     
# 
loop_
_pdbx_audit_revision_item.ordinal 
_pdbx_audit_revision_item.revision_ordinal 
_pdbx_audit_revision_item.data_content_type 
_pdbx_audit_revision_item.item 
1 2 'Structure model' '_pdbx_audit_support.funding_organization'       
2 3 'Structure model' '_entity_src_gen.pdbx_gene_src_gene'             
3 3 'Structure model' '_entity_src_gen.pdbx_gene_src_ncbi_taxonomy_id' 
4 3 'Structure model' '_entity_src_gen.pdbx_gene_src_scientific_name'  
5 4 'Structure model' '_database_2.pdbx_DOI'                           
6 4 'Structure model' '_database_2.pdbx_database_accession'            
# 
_pdbx_database_status.status_code                     REL 
_pdbx_database_status.status_code_sf                  REL 
_pdbx_database_status.status_code_mr                  ? 
_pdbx_database_status.entry_id                        6AHX 
_pdbx_database_status.recvd_initial_deposition_date   2018-08-21 
_pdbx_database_status.SG_entry                        N 
_pdbx_database_status.deposit_site                    PDBJ 
_pdbx_database_status.process_site                    PDBJ 
_pdbx_database_status.status_code_cs                  ? 
_pdbx_database_status.methods_development_category    ? 
_pdbx_database_status.pdb_format_compatible           Y 
_pdbx_database_status.status_code_nmr_data            ? 
# 
loop_
_audit_author.name 
_audit_author.pdbx_ordinal 
_audit_author.identifier_ORCID 
'Normi, M.Y.'        1 ? 
'Mangavelu, A.'      2 ? 
'Sayangku, A.A.'     3 ? 
'Jonet, M.A.'        4 ? 
'Adam, T.C.L.'       5 ? 
'Ali, M.S.M.'        6 ? 
'Rahman, R.N.Z.R.A.' 7 ? 
'Salleh, A.B.'       8 ? 
# 
_citation.abstract                  ? 
_citation.abstract_id_CAS           ? 
_citation.book_id_ISBN              ? 
_citation.book_publisher            ? 
_citation.book_publisher_city       ? 
_citation.book_title                ? 
_citation.coordinate_linkage        ? 
_citation.country                   ? 
_citation.database_id_Medline       ? 
_citation.details                   ? 
_citation.id                        primary 
_citation.journal_abbrev            'To Be Published' 
_citation.journal_id_ASTM           ? 
_citation.journal_id_CSD            0353 
_citation.journal_id_ISSN           ? 
_citation.journal_full              ? 
_citation.journal_issue             ? 
_citation.journal_volume            ? 
_citation.language                  ? 
_citation.page_first                ? 
_citation.page_last                 ? 
_citation.title                     
;Crystallization, Structural Determination and Analysis of Copper-sensing Operon Regulator Protein (CsoRGz) of Geobacillus zalihae Strain T1
;
_citation.year                      ? 
_citation.database_id_CSD           ? 
_citation.pdbx_database_id_DOI      ? 
_citation.pdbx_database_id_PubMed   ? 
_citation.unpublished_flag          ? 
# 
loop_
_citation_author.citation_id 
_citation_author.name 
_citation_author.ordinal 
_citation_author.identifier_ORCID 
primary 'Normi, M.Y.'        1 ? 
primary 'Mangavelu, A.'      2 ? 
primary 'Sayangku, A.A.'     3 ? 
primary 'Jonet, M.A.'        4 ? 
primary 'Adam, T.C.L.'       5 ? 
primary 'Ali, M.S.M.'        6 ? 
primary 'Rahman, R.N.Z.R.A.' 7 ? 
primary 'Salleh, A.B.'       8 ? 
# 
loop_
_entity.id 
_entity.type 
_entity.src_method 
_entity.pdbx_description 
_entity.formula_weight 
_entity.pdbx_number_of_molecules 
_entity.pdbx_ec 
_entity.pdbx_mutation 
_entity.pdbx_fragment 
_entity.details 
1 polymer man 'Putative cytosolic protein' 11781.420 1  ? ? ? ? 
2 water   nat water                        18.015    48 ? ? ? ? 
# 
_entity_poly.entity_id                      1 
_entity_poly.type                           'polypeptide(L)' 
_entity_poly.nstd_linkage                   no 
_entity_poly.nstd_monomer                   no 
_entity_poly.pdbx_seq_one_letter_code       
;MSEKNREHSHRHNHEHKYRKQVINRLARIEGHVRAIKEMAAEGRDCPDILLQIAAVRKALDSTAKVIFADHMESCLVDAV
HQGNEDQVLNDLKKLHHHHHH
;
_entity_poly.pdbx_seq_one_letter_code_can   
;MSEKNREHSHRHNHEHKYRKQVINRLARIEGHVRAIKEMAAEGRDCPDILLQIAAVRKALDSTAKVIFADHMESCLVDAV
HQGNEDQVLNDLKKLHHHHHH
;
_entity_poly.pdbx_strand_id                 A 
_entity_poly.pdbx_target_identifier         ? 
# 
_pdbx_entity_nonpoly.entity_id   2 
_pdbx_entity_nonpoly.name        water 
_pdbx_entity_nonpoly.comp_id     HOH 
# 
loop_
_entity_poly_seq.entity_id 
_entity_poly_seq.num 
_entity_poly_seq.mon_id 
_entity_poly_seq.hetero 
1 1   MET n 
1 2   SER n 
1 3   GLU n 
1 4   LYS n 
1 5   ASN n 
1 6   ARG n 
1 7   GLU n 
1 8   HIS n 
1 9   SER n 
1 10  HIS n 
1 11  ARG n 
1 12  HIS n 
1 13  ASN n 
1 14  HIS n 
1 15  GLU n 
1 16  HIS n 
1 17  LYS n 
1 18  TYR n 
1 19  ARG n 
1 20  LYS n 
1 21  GLN n 
1 22  VAL n 
1 23  ILE n 
1 24  ASN n 
1 25  ARG n 
1 26  LEU n 
1 27  ALA n 
1 28  ARG n 
1 29  ILE n 
1 30  GLU n 
1 31  GLY n 
1 32  HIS n 
1 33  VAL n 
1 34  ARG n 
1 35  ALA n 
1 36  ILE n 
1 37  LYS n 
1 38  GLU n 
1 39  MET n 
1 40  ALA n 
1 41  ALA n 
1 42  GLU n 
1 43  GLY n 
1 44  ARG n 
1 45  ASP n 
1 46  CYS n 
1 47  PRO n 
1 48  ASP n 
1 49  ILE n 
1 50  LEU n 
1 51  LEU n 
1 52  GLN n 
1 53  ILE n 
1 54  ALA n 
1 55  ALA n 
1 56  VAL n 
1 57  ARG n 
1 58  LYS n 
1 59  ALA n 
1 60  LEU n 
1 61  ASP n 
1 62  SER n 
1 63  THR n 
1 64  ALA n 
1 65  LYS n 
1 66  VAL n 
1 67  ILE n 
1 68  PHE n 
1 69  ALA n 
1 70  ASP n 
1 71  HIS n 
1 72  MET n 
1 73  GLU n 
1 74  SER n 
1 75  CYS n 
1 76  LEU n 
1 77  VAL n 
1 78  ASP n 
1 79  ALA n 
1 80  VAL n 
1 81  HIS n 
1 82  GLN n 
1 83  GLY n 
1 84  ASN n 
1 85  GLU n 
1 86  ASP n 
1 87  GLN n 
1 88  VAL n 
1 89  LEU n 
1 90  ASN n 
1 91  ASP n 
1 92  LEU n 
1 93  LYS n 
1 94  LYS n 
1 95  LEU n 
1 96  HIS n 
1 97  HIS n 
1 98  HIS n 
1 99  HIS n 
1 100 HIS n 
1 101 HIS n 
# 
_entity_src_gen.entity_id                          1 
_entity_src_gen.pdbx_src_id                        1 
_entity_src_gen.pdbx_alt_source_flag               sample 
_entity_src_gen.pdbx_seq_type                      'Biological sequence' 
_entity_src_gen.pdbx_beg_seq_num                   1 
_entity_src_gen.pdbx_end_seq_num                   101 
_entity_src_gen.gene_src_common_name               ? 
_entity_src_gen.gene_src_genus                     ? 
_entity_src_gen.pdbx_gene_src_gene                 ? 
_entity_src_gen.gene_src_species                   ? 
_entity_src_gen.gene_src_strain                    ? 
_entity_src_gen.gene_src_tissue                    ? 
_entity_src_gen.gene_src_tissue_fraction           ? 
_entity_src_gen.gene_src_details                   ? 
_entity_src_gen.pdbx_gene_src_fragment             ? 
_entity_src_gen.pdbx_gene_src_scientific_name      'Geobacillus zalihae' 
_entity_src_gen.pdbx_gene_src_ncbi_taxonomy_id     213419 
_entity_src_gen.pdbx_gene_src_variant              ? 
_entity_src_gen.pdbx_gene_src_cell_line            ? 
_entity_src_gen.pdbx_gene_src_atcc                 ? 
_entity_src_gen.pdbx_gene_src_organ                ? 
_entity_src_gen.pdbx_gene_src_organelle            ? 
_entity_src_gen.pdbx_gene_src_cell                 ? 
_entity_src_gen.pdbx_gene_src_cellular_location    ? 
_entity_src_gen.host_org_common_name               ? 
_entity_src_gen.pdbx_host_org_scientific_name      'Escherichia coli' 
_entity_src_gen.pdbx_host_org_ncbi_taxonomy_id     562 
_entity_src_gen.host_org_genus                     ? 
_entity_src_gen.pdbx_host_org_gene                 ? 
_entity_src_gen.pdbx_host_org_organ                ? 
_entity_src_gen.host_org_species                   ? 
_entity_src_gen.pdbx_host_org_tissue               ? 
_entity_src_gen.pdbx_host_org_tissue_fraction      ? 
_entity_src_gen.pdbx_host_org_strain               ? 
_entity_src_gen.pdbx_host_org_variant              ? 
_entity_src_gen.pdbx_host_org_cell_line            ? 
_entity_src_gen.pdbx_host_org_atcc                 ? 
_entity_src_gen.pdbx_host_org_culture_collection   ? 
_entity_src_gen.pdbx_host_org_cell                 ? 
_entity_src_gen.pdbx_host_org_organelle            ? 
_entity_src_gen.pdbx_host_org_cellular_location    ? 
_entity_src_gen.pdbx_host_org_vector_type          ? 
_entity_src_gen.pdbx_host_org_vector               ? 
_entity_src_gen.host_org_details                   ? 
_entity_src_gen.expression_system_id               ? 
_entity_src_gen.plasmid_name                       ? 
_entity_src_gen.plasmid_details                    ? 
_entity_src_gen.pdbx_description                   ? 
# 
loop_
_chem_comp.id 
_chem_comp.type 
_chem_comp.mon_nstd_flag 
_chem_comp.name 
_chem_comp.pdbx_synonyms 
_chem_comp.formula 
_chem_comp.formula_weight 
ALA 'L-peptide linking' y ALANINE         ? 'C3 H7 N O2'     89.093  
ARG 'L-peptide linking' y ARGININE        ? 'C6 H15 N4 O2 1' 175.209 
ASN 'L-peptide linking' y ASPARAGINE      ? 'C4 H8 N2 O3'    132.118 
ASP 'L-peptide linking' y 'ASPARTIC ACID' ? 'C4 H7 N O4'     133.103 
CYS 'L-peptide linking' y CYSTEINE        ? 'C3 H7 N O2 S'   121.158 
GLN 'L-peptide linking' y GLUTAMINE       ? 'C5 H10 N2 O3'   146.144 
GLU 'L-peptide linking' y 'GLUTAMIC ACID' ? 'C5 H9 N O4'     147.129 
GLY 'peptide linking'   y GLYCINE         ? 'C2 H5 N O2'     75.067  
HIS 'L-peptide linking' y HISTIDINE       ? 'C6 H10 N3 O2 1' 156.162 
HOH non-polymer         . WATER           ? 'H2 O'           18.015  
ILE 'L-peptide linking' y ISOLEUCINE      ? 'C6 H13 N O2'    131.173 
LEU 'L-peptide linking' y LEUCINE         ? 'C6 H13 N O2'    131.173 
LYS 'L-peptide linking' y LYSINE          ? 'C6 H15 N2 O2 1' 147.195 
MET 'L-peptide linking' y METHIONINE      ? 'C5 H11 N O2 S'  149.211 
PHE 'L-peptide linking' y PHENYLALANINE   ? 'C9 H11 N O2'    165.189 
PRO 'L-peptide linking' y PROLINE         ? 'C5 H9 N O2'     115.130 
SER 'L-peptide linking' y SERINE          ? 'C3 H7 N O3'     105.093 
THR 'L-peptide linking' y THREONINE       ? 'C4 H9 N O3'     119.119 
TYR 'L-peptide linking' y TYROSINE        ? 'C9 H11 N O3'    181.189 
VAL 'L-peptide linking' y VALINE          ? 'C5 H11 N O2'    117.146 
# 
loop_
_pdbx_poly_seq_scheme.asym_id 
_pdbx_poly_seq_scheme.entity_id 
_pdbx_poly_seq_scheme.seq_id 
_pdbx_poly_seq_scheme.mon_id 
_pdbx_poly_seq_scheme.ndb_seq_num 
_pdbx_poly_seq_scheme.pdb_seq_num 
_pdbx_poly_seq_scheme.auth_seq_num 
_pdbx_poly_seq_scheme.pdb_mon_id 
_pdbx_poly_seq_scheme.auth_mon_id 
_pdbx_poly_seq_scheme.pdb_strand_id 
_pdbx_poly_seq_scheme.pdb_ins_code 
_pdbx_poly_seq_scheme.hetero 
A 1 1   MET 1   1   ?  ?   ?   A . n 
A 1 2   SER 2   2   ?  ?   ?   A . n 
A 1 3   GLU 3   3   ?  ?   ?   A . n 
A 1 4   LYS 4   4   ?  ?   ?   A . n 
A 1 5   ASN 5   5   ?  ?   ?   A . n 
A 1 6   ARG 6   6   ?  ?   ?   A . n 
A 1 7   GLU 7   7   ?  ?   ?   A . n 
A 1 8   HIS 8   8   ?  ?   ?   A . n 
A 1 9   SER 9   9   ?  ?   ?   A . n 
A 1 10  HIS 10  10  ?  ?   ?   A . n 
A 1 11  ARG 11  11  ?  ?   ?   A . n 
A 1 12  HIS 12  12  ?  ?   ?   A . n 
A 1 13  ASN 13  13  ?  ?   ?   A . n 
A 1 14  HIS 14  14  ?  ?   ?   A . n 
A 1 15  GLU 15  15  ?  ?   ?   A . n 
A 1 16  HIS 16  16  ?  ?   ?   A . n 
A 1 17  LYS 17  17  17 LYS LYS A . n 
A 1 18  TYR 18  18  18 TYR TYR A . n 
A 1 19  ARG 19  19  19 ARG ARG A . n 
A 1 20  LYS 20  20  20 LYS LYS A . n 
A 1 21  GLN 21  21  21 GLN GLN A . n 
A 1 22  VAL 22  22  22 VAL VAL A . n 
A 1 23  ILE 23  23  23 ILE ILE A . n 
A 1 24  ASN 24  24  24 ASN ASN A . n 
A 1 25  ARG 25  25  25 ARG ARG A . n 
A 1 26  LEU 26  26  26 LEU LEU A . n 
A 1 27  ALA 27  27  27 ALA ALA A . n 
A 1 28  ARG 28  28  28 ARG ARG A . n 
A 1 29  ILE 29  29  29 ILE ILE A . n 
A 1 30  GLU 30  30  30 GLU GLU A . n 
A 1 31  GLY 31  31  31 GLY GLY A . n 
A 1 32  HIS 32  32  32 HIS HIS A . n 
A 1 33  VAL 33  33  33 VAL VAL A . n 
A 1 34  ARG 34  34  34 ARG ARG A . n 
A 1 35  ALA 35  35  35 ALA ALA A . n 
A 1 36  ILE 36  36  36 ILE ILE A . n 
A 1 37  LYS 37  37  37 LYS LYS A . n 
A 1 38  GLU 38  38  38 GLU GLU A . n 
A 1 39  MET 39  39  39 MET MET A . n 
A 1 40  ALA 40  40  40 ALA ALA A . n 
A 1 41  ALA 41  41  41 ALA ALA A . n 
A 1 42  GLU 42  42  42 GLU GLU A . n 
A 1 43  GLY 43  43  43 GLY GLY A . n 
A 1 44  ARG 44  44  44 ARG ARG A . n 
A 1 45  ASP 45  45  45 ASP ASP A . n 
A 1 46  CYS 46  46  46 CYS CYS A . n 
A 1 47  PRO 47  47  47 PRO PRO A . n 
A 1 48  ASP 48  48  48 ASP ASP A . n 
A 1 49  ILE 49  49  49 ILE ILE A . n 
A 1 50  LEU 50  50  50 LEU LEU A . n 
A 1 51  LEU 51  51  51 LEU LEU A . n 
A 1 52  GLN 52  52  52 GLN GLN A . n 
A 1 53  ILE 53  53  53 ILE ILE A . n 
A 1 54  ALA 54  54  54 ALA ALA A . n 
A 1 55  ALA 55  55  55 ALA ALA A . n 
A 1 56  VAL 56  56  56 VAL VAL A . n 
A 1 57  ARG 57  57  57 ARG ARG A . n 
A 1 58  LYS 58  58  58 LYS LYS A . n 
A 1 59  ALA 59  59  59 ALA ALA A . n 
A 1 60  LEU 60  60  60 LEU LEU A . n 
A 1 61  ASP 61  61  61 ASP ASP A . n 
A 1 62  SER 62  62  62 SER SER A . n 
A 1 63  THR 63  63  63 THR THR A . n 
A 1 64  ALA 64  64  64 ALA ALA A . n 
A 1 65  LYS 65  65  65 LYS LYS A . n 
A 1 66  VAL 66  66  66 VAL VAL A . n 
A 1 67  ILE 67  67  67 ILE ILE A . n 
A 1 68  PHE 68  68  68 PHE PHE A . n 
A 1 69  ALA 69  69  69 ALA ALA A . n 
A 1 70  ASP 70  70  70 ASP ASP A . n 
A 1 71  HIS 71  71  71 HIS HIS A . n 
A 1 72  MET 72  72  72 MET MET A . n 
A 1 73  GLU 73  73  73 GLU GLU A . n 
A 1 74  SER 74  74  74 SER SER A . n 
A 1 75  CYS 75  75  75 CYS CYS A . n 
A 1 76  LEU 76  76  76 LEU LEU A . n 
A 1 77  VAL 77  77  ?  ?   ?   A . n 
A 1 78  ASP 78  78  ?  ?   ?   A . n 
A 1 79  ALA 79  79  ?  ?   ?   A . n 
A 1 80  VAL 80  80  ?  ?   ?   A . n 
A 1 81  HIS 81  81  ?  ?   ?   A . n 
A 1 82  GLN 82  82  ?  ?   ?   A . n 
A 1 83  GLY 83  83  ?  ?   ?   A . n 
A 1 84  ASN 84  84  ?  ?   ?   A . n 
A 1 85  GLU 85  85  ?  ?   ?   A . n 
A 1 86  ASP 86  86  ?  ?   ?   A . n 
A 1 87  GLN 87  87  ?  ?   ?   A . n 
A 1 88  VAL 88  88  ?  ?   ?   A . n 
A 1 89  LEU 89  89  ?  ?   ?   A . n 
A 1 90  ASN 90  90  ?  ?   ?   A . n 
A 1 91  ASP 91  91  ?  ?   ?   A . n 
A 1 92  LEU 92  92  ?  ?   ?   A . n 
A 1 93  LYS 93  93  ?  ?   ?   A . n 
A 1 94  LYS 94  94  ?  ?   ?   A . n 
A 1 95  LEU 95  95  ?  ?   ?   A . n 
A 1 96  HIS 96  96  ?  ?   ?   A . n 
A 1 97  HIS 97  97  ?  ?   ?   A . n 
A 1 98  HIS 98  98  ?  ?   ?   A . n 
A 1 99  HIS 99  99  ?  ?   ?   A . n 
A 1 100 HIS 100 100 ?  ?   ?   A . n 
A 1 101 HIS 101 101 ?  ?   ?   A . n 
# 
loop_
_pdbx_nonpoly_scheme.asym_id 
_pdbx_nonpoly_scheme.entity_id 
_pdbx_nonpoly_scheme.mon_id 
_pdbx_nonpoly_scheme.ndb_seq_num 
_pdbx_nonpoly_scheme.pdb_seq_num 
_pdbx_nonpoly_scheme.auth_seq_num 
_pdbx_nonpoly_scheme.pdb_mon_id 
_pdbx_nonpoly_scheme.auth_mon_id 
_pdbx_nonpoly_scheme.pdb_strand_id 
_pdbx_nonpoly_scheme.pdb_ins_code 
B 2 HOH 1  201 8  HOH HOH A . 
B 2 HOH 2  202 35 HOH HOH A . 
B 2 HOH 3  203 9  HOH HOH A . 
B 2 HOH 4  204 1  HOH HOH A . 
B 2 HOH 5  205 21 HOH HOH A . 
B 2 HOH 6  206 11 HOH HOH A . 
B 2 HOH 7  207 2  HOH HOH A . 
B 2 HOH 8  208 3  HOH HOH A . 
B 2 HOH 9  209 23 HOH HOH A . 
B 2 HOH 10 210 4  HOH HOH A . 
B 2 HOH 11 211 20 HOH HOH A . 
B 2 HOH 12 212 44 HOH HOH A . 
B 2 HOH 13 213 10 HOH HOH A . 
B 2 HOH 14 214 19 HOH HOH A . 
B 2 HOH 15 215 31 HOH HOH A . 
B 2 HOH 16 216 37 HOH HOH A . 
B 2 HOH 17 217 6  HOH HOH A . 
B 2 HOH 18 218 27 HOH HOH A . 
B 2 HOH 19 219 7  HOH HOH A . 
B 2 HOH 20 220 41 HOH HOH A . 
B 2 HOH 21 221 32 HOH HOH A . 
B 2 HOH 22 222 13 HOH HOH A . 
B 2 HOH 23 223 38 HOH HOH A . 
B 2 HOH 24 224 47 HOH HOH A . 
B 2 HOH 25 225 46 HOH HOH A . 
B 2 HOH 26 226 33 HOH HOH A . 
B 2 HOH 27 227 12 HOH HOH A . 
B 2 HOH 28 228 30 HOH HOH A . 
B 2 HOH 29 229 18 HOH HOH A . 
B 2 HOH 30 230 15 HOH HOH A . 
B 2 HOH 31 231 5  HOH HOH A . 
B 2 HOH 32 232 42 HOH HOH A . 
B 2 HOH 33 233 39 HOH HOH A . 
B 2 HOH 34 234 14 HOH HOH A . 
B 2 HOH 35 235 45 HOH HOH A . 
B 2 HOH 36 236 40 HOH HOH A . 
B 2 HOH 37 237 26 HOH HOH A . 
B 2 HOH 38 238 17 HOH HOH A . 
B 2 HOH 39 239 25 HOH HOH A . 
B 2 HOH 40 240 43 HOH HOH A . 
B 2 HOH 41 241 28 HOH HOH A . 
B 2 HOH 42 242 16 HOH HOH A . 
B 2 HOH 43 243 36 HOH HOH A . 
B 2 HOH 44 244 24 HOH HOH A . 
B 2 HOH 45 245 29 HOH HOH A . 
B 2 HOH 46 246 22 HOH HOH A . 
B 2 HOH 47 247 48 HOH HOH A . 
B 2 HOH 48 248 34 HOH HOH A . 
# 
loop_
_software.citation_id 
_software.classification 
_software.compiler_name 
_software.compiler_version 
_software.contact_author 
_software.contact_author_email 
_software.date 
_software.description 
_software.dependencies 
_software.hardware 
_software.language 
_software.location 
_software.mods 
_software.name 
_software.os 
_software.os_version 
_software.type 
_software.version 
_software.pdbx_ordinal 
? refinement       ? ? ? ? ? ? ? ? ? ? ? REFMAC    ? ? ? 5.8.0103 1 
? 'data reduction' ? ? ? ? ? ? ? ? ? ? ? DENZO     ? ? ? .        2 
? 'data scaling'   ? ? ? ? ? ? ? ? ? ? ? SCALEPACK ? ? ? .        3 
? phasing          ? ? ? ? ? ? ? ? ? ? ? MOLREP    ? ? ? .        4 
# 
_cell.angle_alpha                  90.00 
_cell.angle_alpha_esd              ? 
_cell.angle_beta                   90.00 
_cell.angle_beta_esd               ? 
_cell.angle_gamma                  120.00 
_cell.angle_gamma_esd              ? 
_cell.entry_id                     6AHX 
_cell.details                      ? 
_cell.formula_units_Z              ? 
_cell.length_a                     44.730 
_cell.length_a_esd                 ? 
_cell.length_b                     44.730 
_cell.length_b_esd                 ? 
_cell.length_c                     82.370 
_cell.length_c_esd                 ? 
_cell.volume                       ? 
_cell.volume_esd                   ? 
_cell.Z_PDB                        6 
_cell.reciprocal_angle_alpha       ? 
_cell.reciprocal_angle_beta        ? 
_cell.reciprocal_angle_gamma       ? 
_cell.reciprocal_angle_alpha_esd   ? 
_cell.reciprocal_angle_beta_esd    ? 
_cell.reciprocal_angle_gamma_esd   ? 
_cell.reciprocal_length_a          ? 
_cell.reciprocal_length_b          ? 
_cell.reciprocal_length_c          ? 
_cell.reciprocal_length_a_esd      ? 
_cell.reciprocal_length_b_esd      ? 
_cell.reciprocal_length_c_esd      ? 
_cell.pdbx_unique_axis             ? 
# 
_symmetry.entry_id                         6AHX 
_symmetry.cell_setting                     ? 
_symmetry.Int_Tables_number                152 
_symmetry.space_group_name_Hall            ? 
_symmetry.space_group_name_H-M             'P 31 2 1' 
_symmetry.pdbx_full_space_group_name_H-M   ? 
# 
_exptl.absorpt_coefficient_mu     ? 
_exptl.absorpt_correction_T_max   ? 
_exptl.absorpt_correction_T_min   ? 
_exptl.absorpt_correction_type    ? 
_exptl.absorpt_process_details    ? 
_exptl.entry_id                   6AHX 
_exptl.crystals_number            1 
_exptl.details                    ? 
_exptl.method                     'X-RAY DIFFRACTION' 
_exptl.method_details             ? 
# 
_exptl_crystal.colour                      ? 
_exptl_crystal.density_diffrn              ? 
_exptl_crystal.density_Matthews            1.83 
_exptl_crystal.density_method              ? 
_exptl_crystal.density_percent_sol         39.24 
_exptl_crystal.description                 ? 
_exptl_crystal.F_000                       ? 
_exptl_crystal.id                          1 
_exptl_crystal.preparation                 ? 
_exptl_crystal.size_max                    ? 
_exptl_crystal.size_mid                    ? 
_exptl_crystal.size_min                    ? 
_exptl_crystal.size_rad                    ? 
_exptl_crystal.colour_lustre               ? 
_exptl_crystal.colour_modifier             ? 
_exptl_crystal.colour_primary              ? 
_exptl_crystal.density_meas                ? 
_exptl_crystal.density_meas_esd            ? 
_exptl_crystal.density_meas_gt             ? 
_exptl_crystal.density_meas_lt             ? 
_exptl_crystal.density_meas_temp           ? 
_exptl_crystal.density_meas_temp_esd       ? 
_exptl_crystal.density_meas_temp_gt        ? 
_exptl_crystal.density_meas_temp_lt        ? 
_exptl_crystal.pdbx_crystal_image_url      ? 
_exptl_crystal.pdbx_crystal_image_format   ? 
_exptl_crystal.pdbx_mosaicity              ? 
_exptl_crystal.pdbx_mosaicity_esd          ? 
# 
_exptl_crystal_grow.apparatus       ? 
_exptl_crystal_grow.atmosphere      ? 
_exptl_crystal_grow.crystal_id      1 
_exptl_crystal_grow.details         ? 
_exptl_crystal_grow.method          'VAPOR DIFFUSION, SITTING DROP' 
_exptl_crystal_grow.method_ref      ? 
_exptl_crystal_grow.pH              6.5 
_exptl_crystal_grow.pressure        ? 
_exptl_crystal_grow.pressure_esd    ? 
_exptl_crystal_grow.seeding         ? 
_exptl_crystal_grow.seeding_ref     ? 
_exptl_crystal_grow.temp            293.95 
_exptl_crystal_grow.temp_details    ? 
_exptl_crystal_grow.temp_esd        ? 
_exptl_crystal_grow.time            ? 
_exptl_crystal_grow.pdbx_details    '5% (v/v) Tacsimate TM pH 7.0, 0.1 M HEPES pH 7.0, 10% (w/v) PEG monomethyl ether 5000' 
_exptl_crystal_grow.pdbx_pH_range   7.0 
# 
_diffrn.ambient_environment              ? 
_diffrn.ambient_temp                     100 
_diffrn.ambient_temp_details             ? 
_diffrn.ambient_temp_esd                 ? 
_diffrn.crystal_id                       1 
_diffrn.crystal_support                  ? 
_diffrn.crystal_treatment                ? 
_diffrn.details                          ? 
_diffrn.id                               1 
_diffrn.ambient_pressure                 ? 
_diffrn.ambient_pressure_esd             ? 
_diffrn.ambient_pressure_gt              ? 
_diffrn.ambient_pressure_lt              ? 
_diffrn.ambient_temp_gt                  ? 
_diffrn.ambient_temp_lt                  ? 
_diffrn.pdbx_serial_crystal_experiment   ? 
# 
_diffrn_detector.details                      ? 
_diffrn_detector.detector                     PIXEL 
_diffrn_detector.diffrn_id                    1 
_diffrn_detector.type                         'DECTRIS PILATUS 200K' 
_diffrn_detector.area_resol_mean              ? 
_diffrn_detector.dtime                        ? 
_diffrn_detector.pdbx_frames_total            ? 
_diffrn_detector.pdbx_collection_time_total   ? 
_diffrn_detector.pdbx_collection_date         2016-12-06 
_diffrn_detector.pdbx_frequency               ? 
# 
_diffrn_radiation.collimation                      ? 
_diffrn_radiation.diffrn_id                        1 
_diffrn_radiation.filter_edge                      ? 
_diffrn_radiation.inhomogeneity                    ? 
_diffrn_radiation.monochromator                    ? 
_diffrn_radiation.polarisn_norm                    ? 
_diffrn_radiation.polarisn_ratio                   ? 
_diffrn_radiation.probe                            ? 
_diffrn_radiation.type                             ? 
_diffrn_radiation.xray_symbol                      ? 
_diffrn_radiation.wavelength_id                    1 
_diffrn_radiation.pdbx_monochromatic_or_laue_m_l   M 
_diffrn_radiation.pdbx_wavelength_list             ? 
_diffrn_radiation.pdbx_wavelength                  ? 
_diffrn_radiation.pdbx_diffrn_protocol             'SINGLE WAVELENGTH' 
_diffrn_radiation.pdbx_analyzer                    ? 
_diffrn_radiation.pdbx_scattering_type             x-ray 
# 
_diffrn_radiation_wavelength.id           1 
_diffrn_radiation_wavelength.wavelength   1.54 
_diffrn_radiation_wavelength.wt           1.0 
# 
_diffrn_source.current                     ? 
_diffrn_source.details                     ? 
_diffrn_source.diffrn_id                   1 
_diffrn_source.power                       ? 
_diffrn_source.size                        ? 
_diffrn_source.source                      'ROTATING ANODE' 
_diffrn_source.target                      ? 
_diffrn_source.type                        'Cu FINE FOCUS' 
_diffrn_source.voltage                     ? 
_diffrn_source.take-off_angle              ? 
_diffrn_source.pdbx_wavelength_list        1.54 
_diffrn_source.pdbx_wavelength             ? 
_diffrn_source.pdbx_synchrotron_beamline   ? 
_diffrn_source.pdbx_synchrotron_site       ? 
# 
_reflns.B_iso_Wilson_estimate            ? 
_reflns.entry_id                         6AHX 
_reflns.data_reduction_details           ? 
_reflns.data_reduction_method            ? 
_reflns.d_resolution_high                2.0 
_reflns.d_resolution_low                 38.74 
_reflns.details                          ? 
_reflns.limit_h_max                      ? 
_reflns.limit_h_min                      ? 
_reflns.limit_k_max                      ? 
_reflns.limit_k_min                      ? 
_reflns.limit_l_max                      ? 
_reflns.limit_l_min                      ? 
_reflns.number_all                       ? 
_reflns.number_obs                       6882 
_reflns.observed_criterion               ? 
_reflns.observed_criterion_F_max         ? 
_reflns.observed_criterion_F_min         ? 
_reflns.observed_criterion_I_max         ? 
_reflns.observed_criterion_I_min         ? 
_reflns.observed_criterion_sigma_F       ? 
_reflns.observed_criterion_sigma_I       ? 
_reflns.percent_possible_obs             100 
_reflns.R_free_details                   ? 
_reflns.Rmerge_F_all                     ? 
_reflns.Rmerge_F_obs                     ? 
_reflns.Friedel_coverage                 ? 
_reflns.number_gt                        ? 
_reflns.threshold_expression             ? 
_reflns.pdbx_redundancy                  3.2 
_reflns.pdbx_Rmerge_I_obs                0.031 
_reflns.pdbx_Rmerge_I_all                ? 
_reflns.pdbx_Rsym_value                  ? 
_reflns.pdbx_netI_over_av_sigmaI         ? 
_reflns.pdbx_netI_over_sigmaI            45.7 
_reflns.pdbx_res_netI_over_av_sigmaI_2   ? 
_reflns.pdbx_res_netI_over_sigmaI_2      ? 
_reflns.pdbx_chi_squared                 ? 
_reflns.pdbx_scaling_rejects             ? 
_reflns.pdbx_d_res_high_opt              ? 
_reflns.pdbx_d_res_low_opt               ? 
_reflns.pdbx_d_res_opt_method            ? 
_reflns.phase_calculation_details        ? 
_reflns.pdbx_Rrim_I_all                  ? 
_reflns.pdbx_Rpim_I_all                  ? 
_reflns.pdbx_d_opt                       ? 
_reflns.pdbx_number_measured_all         ? 
_reflns.pdbx_diffrn_id                   1 
_reflns.pdbx_ordinal                     1 
_reflns.pdbx_CC_half                     ? 
_reflns.pdbx_R_split                     ? 
# 
_reflns_shell.d_res_high                  2.00 
_reflns_shell.d_res_low                   2.03 
_reflns_shell.meanI_over_sigI_all         ? 
_reflns_shell.meanI_over_sigI_obs         ? 
_reflns_shell.number_measured_all         ? 
_reflns_shell.number_measured_obs         ? 
_reflns_shell.number_possible             ? 
_reflns_shell.number_unique_all           ? 
_reflns_shell.number_unique_obs           664 
_reflns_shell.percent_possible_all        ? 
_reflns_shell.percent_possible_obs        ? 
_reflns_shell.Rmerge_F_all                ? 
_reflns_shell.Rmerge_F_obs                ? 
_reflns_shell.Rmerge_I_all                ? 
_reflns_shell.Rmerge_I_obs                0.028 
_reflns_shell.meanI_over_sigI_gt          ? 
_reflns_shell.meanI_over_uI_all           ? 
_reflns_shell.meanI_over_uI_gt            ? 
_reflns_shell.number_measured_gt          ? 
_reflns_shell.number_unique_gt            ? 
_reflns_shell.percent_possible_gt         ? 
_reflns_shell.Rmerge_F_gt                 ? 
_reflns_shell.Rmerge_I_gt                 ? 
_reflns_shell.pdbx_redundancy             ? 
_reflns_shell.pdbx_Rsym_value             ? 
_reflns_shell.pdbx_chi_squared            ? 
_reflns_shell.pdbx_netI_over_sigmaI_all   ? 
_reflns_shell.pdbx_netI_over_sigmaI_obs   ? 
_reflns_shell.pdbx_Rrim_I_all             ? 
_reflns_shell.pdbx_Rpim_I_all             ? 
_reflns_shell.pdbx_rejects                ? 
_reflns_shell.pdbx_ordinal                1 
_reflns_shell.pdbx_diffrn_id              1 
_reflns_shell.pdbx_CC_half                ? 
_reflns_shell.pdbx_R_split                ? 
# 
_refine.aniso_B[1][1]                            1.06 
_refine.aniso_B[1][2]                            0.53 
_refine.aniso_B[1][3]                            0.00 
_refine.aniso_B[2][2]                            1.06 
_refine.aniso_B[2][3]                            -0.00 
_refine.aniso_B[3][3]                            -3.45 
_refine.B_iso_max                                ? 
_refine.B_iso_mean                               35.033 
_refine.B_iso_min                                ? 
_refine.correlation_coeff_Fo_to_Fc               0.956 
_refine.correlation_coeff_Fo_to_Fc_free          0.924 
_refine.details                                  'HYDROGENS HAVE BEEN ADDED IN THE RIDING POSITIONS' 
_refine.diff_density_max                         ? 
_refine.diff_density_max_esd                     ? 
_refine.diff_density_min                         ? 
_refine.diff_density_min_esd                     ? 
_refine.diff_density_rms                         ? 
_refine.diff_density_rms_esd                     ? 
_refine.entry_id                                 6AHX 
_refine.pdbx_refine_id                           'X-RAY DIFFRACTION' 
_refine.ls_abs_structure_details                 ? 
_refine.ls_abs_structure_Flack                   ? 
_refine.ls_abs_structure_Flack_esd               ? 
_refine.ls_abs_structure_Rogers                  ? 
_refine.ls_abs_structure_Rogers_esd              ? 
_refine.ls_d_res_high                            2.00 
_refine.ls_d_res_low                             38.74 
_refine.ls_extinction_coef                       ? 
_refine.ls_extinction_coef_esd                   ? 
_refine.ls_extinction_expression                 ? 
_refine.ls_extinction_method                     ? 
_refine.ls_goodness_of_fit_all                   ? 
_refine.ls_goodness_of_fit_all_esd               ? 
_refine.ls_goodness_of_fit_obs                   ? 
_refine.ls_goodness_of_fit_obs_esd               ? 
_refine.ls_hydrogen_treatment                    ? 
_refine.ls_matrix_type                           ? 
_refine.ls_number_constraints                    ? 
_refine.ls_number_parameters                     ? 
_refine.ls_number_reflns_all                     ? 
_refine.ls_number_reflns_obs                     6184 
_refine.ls_number_reflns_R_free                  345 
_refine.ls_number_reflns_R_work                  ? 
_refine.ls_number_restraints                     ? 
_refine.ls_percent_reflns_obs                    95.19 
_refine.ls_percent_reflns_R_free                 5.3 
_refine.ls_R_factor_all                          ? 
_refine.ls_R_factor_obs                          0.19996 
_refine.ls_R_factor_R_free                       0.25796 
_refine.ls_R_factor_R_free_error                 ? 
_refine.ls_R_factor_R_free_error_details         ? 
_refine.ls_R_factor_R_work                       0.19670 
_refine.ls_R_Fsqd_factor_obs                     ? 
_refine.ls_R_I_factor_obs                        ? 
_refine.ls_redundancy_reflns_all                 ? 
_refine.ls_redundancy_reflns_obs                 ? 
_refine.ls_restrained_S_all                      ? 
_refine.ls_restrained_S_obs                      ? 
_refine.ls_shift_over_esd_max                    ? 
_refine.ls_shift_over_esd_mean                   ? 
_refine.ls_structure_factor_coef                 ? 
_refine.ls_weighting_details                     ? 
_refine.ls_weighting_scheme                      ? 
_refine.ls_wR_factor_all                         ? 
_refine.ls_wR_factor_obs                         ? 
_refine.ls_wR_factor_R_free                      ? 
_refine.ls_wR_factor_R_work                      ? 
_refine.occupancy_max                            ? 
_refine.occupancy_min                            ? 
_refine.solvent_model_details                    ? 
_refine.solvent_model_param_bsol                 ? 
_refine.solvent_model_param_ksol                 ? 
_refine.ls_R_factor_gt                           ? 
_refine.ls_goodness_of_fit_gt                    ? 
_refine.ls_goodness_of_fit_ref                   ? 
_refine.ls_shift_over_su_max                     ? 
_refine.ls_shift_over_su_max_lt                  ? 
_refine.ls_shift_over_su_mean                    ? 
_refine.ls_shift_over_su_mean_lt                 ? 
_refine.pdbx_ls_sigma_I                          ? 
_refine.pdbx_ls_sigma_F                          ? 
_refine.pdbx_ls_sigma_Fsqd                       ? 
_refine.pdbx_data_cutoff_high_absF               ? 
_refine.pdbx_data_cutoff_high_rms_absF           ? 
_refine.pdbx_data_cutoff_low_absF                ? 
_refine.pdbx_isotropic_thermal_model             ? 
_refine.pdbx_ls_cross_valid_method               THROUGHOUT 
_refine.pdbx_method_to_determine_struct          'MOLECULAR REPLACEMENT' 
_refine.pdbx_starting_model                      3AAI 
_refine.pdbx_stereochemistry_target_values       ? 
_refine.pdbx_R_Free_selection_details            RANDOM 
_refine.pdbx_stereochem_target_val_spec_case     ? 
_refine.pdbx_overall_ESU_R                       0.145 
_refine.pdbx_overall_ESU_R_Free                  0.155 
_refine.pdbx_solvent_vdw_probe_radii             1.20 
_refine.pdbx_solvent_ion_probe_radii             0.80 
_refine.pdbx_solvent_shrinkage_radii             0.80 
_refine.pdbx_real_space_R                        ? 
_refine.pdbx_density_correlation                 ? 
_refine.pdbx_pd_number_of_powder_patterns        ? 
_refine.pdbx_pd_number_of_points                 ? 
_refine.pdbx_pd_meas_number_of_points            ? 
_refine.pdbx_pd_proc_ls_prof_R_factor            ? 
_refine.pdbx_pd_proc_ls_prof_wR_factor           ? 
_refine.pdbx_pd_Marquardt_correlation_coeff      ? 
_refine.pdbx_pd_Fsqrd_R_factor                   ? 
_refine.pdbx_pd_ls_matrix_band_width             ? 
_refine.pdbx_overall_phase_error                 ? 
_refine.pdbx_overall_SU_R_free_Cruickshank_DPI   ? 
_refine.pdbx_overall_SU_R_free_Blow_DPI          ? 
_refine.pdbx_overall_SU_R_Blow_DPI               ? 
_refine.pdbx_TLS_residual_ADP_flag               ? 
_refine.pdbx_diffrn_id                           1 
_refine.overall_SU_B                             5.568 
_refine.overall_SU_ML                            0.133 
_refine.overall_SU_R_Cruickshank_DPI             ? 
_refine.overall_SU_R_free                        ? 
_refine.overall_FOM_free_R_set                   ? 
_refine.overall_FOM_work_R_set                   ? 
_refine.pdbx_average_fsc_overall                 ? 
_refine.pdbx_average_fsc_work                    ? 
_refine.pdbx_average_fsc_free                    ? 
# 
_refine_hist.pdbx_refine_id                   'X-RAY DIFFRACTION' 
_refine_hist.cycle_id                         1 
_refine_hist.pdbx_number_atoms_protein        471 
_refine_hist.pdbx_number_atoms_nucleic_acid   0 
_refine_hist.pdbx_number_atoms_ligand         0 
_refine_hist.number_atoms_solvent             48 
_refine_hist.number_atoms_total               519 
_refine_hist.d_res_high                       2.00 
_refine_hist.d_res_low                        38.74 
# 
loop_
_refine_ls_restr.pdbx_refine_id 
_refine_ls_restr.criterion 
_refine_ls_restr.dev_ideal 
_refine_ls_restr.dev_ideal_target 
_refine_ls_restr.number 
_refine_ls_restr.rejects 
_refine_ls_restr.type 
_refine_ls_restr.weight 
_refine_ls_restr.pdbx_restraint_function 
'X-RAY DIFFRACTION' ? 0.018  0.019  475  ? r_bond_refined_d             ? ? 
'X-RAY DIFFRACTION' ? 0.003  0.020  495  ? r_bond_other_d               ? ? 
'X-RAY DIFFRACTION' ? 1.961  1.971  635  ? r_angle_refined_deg          ? ? 
'X-RAY DIFFRACTION' ? 1.036  3.000  1132 ? r_angle_other_deg            ? ? 
'X-RAY DIFFRACTION' ? 5.246  5.000  59   ? r_dihedral_angle_1_deg       ? ? 
'X-RAY DIFFRACTION' ? 28.007 22.381 21   ? r_dihedral_angle_2_deg       ? ? 
'X-RAY DIFFRACTION' ? 18.657 15.000 96   ? r_dihedral_angle_3_deg       ? ? 
'X-RAY DIFFRACTION' ? 22.046 15.000 6    ? r_dihedral_angle_4_deg       ? ? 
'X-RAY DIFFRACTION' ? 0.103  0.200  74   ? r_chiral_restr               ? ? 
'X-RAY DIFFRACTION' ? 0.009  0.020  521  ? r_gen_planes_refined         ? ? 
'X-RAY DIFFRACTION' ? 0.001  0.020  105  ? r_gen_planes_other           ? ? 
'X-RAY DIFFRACTION' ? ?      ?      ?    ? r_nbd_refined                ? ? 
'X-RAY DIFFRACTION' ? ?      ?      ?    ? r_nbd_other                  ? ? 
'X-RAY DIFFRACTION' ? ?      ?      ?    ? r_nbtor_refined              ? ? 
'X-RAY DIFFRACTION' ? ?      ?      ?    ? r_nbtor_other                ? ? 
'X-RAY DIFFRACTION' ? ?      ?      ?    ? r_xyhbond_nbd_refined        ? ? 
'X-RAY DIFFRACTION' ? ?      ?      ?    ? r_xyhbond_nbd_other          ? ? 
'X-RAY DIFFRACTION' ? ?      ?      ?    ? r_metal_ion_refined          ? ? 
'X-RAY DIFFRACTION' ? ?      ?      ?    ? r_metal_ion_other            ? ? 
'X-RAY DIFFRACTION' ? ?      ?      ?    ? r_symmetry_vdw_refined       ? ? 
'X-RAY DIFFRACTION' ? ?      ?      ?    ? r_symmetry_vdw_other         ? ? 
'X-RAY DIFFRACTION' ? ?      ?      ?    ? r_symmetry_hbond_refined     ? ? 
'X-RAY DIFFRACTION' ? ?      ?      ?    ? r_symmetry_hbond_other       ? ? 
'X-RAY DIFFRACTION' ? ?      ?      ?    ? r_symmetry_metal_ion_refined ? ? 
'X-RAY DIFFRACTION' ? ?      ?      ?    ? r_symmetry_metal_ion_other   ? ? 
'X-RAY DIFFRACTION' ? 2.589  2.958  239  ? r_mcbond_it                  ? ? 
'X-RAY DIFFRACTION' ? 2.573  2.958  238  ? r_mcbond_other               ? ? 
'X-RAY DIFFRACTION' ? 3.602  4.431  297  ? r_mcangle_it                 ? ? 
'X-RAY DIFFRACTION' ? 3.600  4.432  298  ? r_mcangle_other              ? ? 
'X-RAY DIFFRACTION' ? 5.216  3.747  236  ? r_scbond_it                  ? ? 
'X-RAY DIFFRACTION' ? 5.205  3.747  237  ? r_scbond_other               ? ? 
'X-RAY DIFFRACTION' ? ?      ?      ?    ? r_scangle_it                 ? ? 
'X-RAY DIFFRACTION' ? 8.309  5.321  339  ? r_scangle_other              ? ? 
'X-RAY DIFFRACTION' ? 9.797  24.666 580  ? r_long_range_B_refined       ? ? 
'X-RAY DIFFRACTION' ? 9.638  24.222 559  ? r_long_range_B_other         ? ? 
'X-RAY DIFFRACTION' ? ?      ?      ?    ? r_rigid_bond_restr           ? ? 
'X-RAY DIFFRACTION' ? ?      ?      ?    ? r_sphericity_free            ? ? 
'X-RAY DIFFRACTION' ? ?      ?      ?    ? r_sphericity_bonded          ? ? 
# 
_refine_ls_shell.pdbx_refine_id                   'X-RAY DIFFRACTION' 
_refine_ls_shell.d_res_high                       2.000 
_refine_ls_shell.d_res_low                        2.052 
_refine_ls_shell.number_reflns_all                ? 
_refine_ls_shell.number_reflns_obs                ? 
_refine_ls_shell.number_reflns_R_free             37 
_refine_ls_shell.number_reflns_R_work             467 
_refine_ls_shell.percent_reflns_obs               98.05 
_refine_ls_shell.percent_reflns_R_free            ? 
_refine_ls_shell.R_factor_all                     ? 
_refine_ls_shell.R_factor_obs                     ? 
_refine_ls_shell.R_factor_R_free                  0.200 
_refine_ls_shell.R_factor_R_free_error            ? 
_refine_ls_shell.R_factor_R_work                  0.280 
_refine_ls_shell.redundancy_reflns_all            ? 
_refine_ls_shell.redundancy_reflns_obs            ? 
_refine_ls_shell.wR_factor_all                    ? 
_refine_ls_shell.wR_factor_obs                    ? 
_refine_ls_shell.wR_factor_R_free                 ? 
_refine_ls_shell.wR_factor_R_work                 ? 
_refine_ls_shell.pdbx_total_number_of_bins_used   20 
_refine_ls_shell.pdbx_phase_error                 ? 
_refine_ls_shell.pdbx_fsc_work                    ? 
_refine_ls_shell.pdbx_fsc_free                    ? 
# 
_struct.entry_id                     6AHX 
_struct.title                        'Copper-Sensing Operon Regulator Protein (CsoRGz)' 
_struct.pdbx_model_details           ? 
_struct.pdbx_formula_weight          ? 
_struct.pdbx_formula_weight_method   ? 
_struct.pdbx_model_type_details      ? 
_struct.pdbx_CASP_flag               N 
# 
_struct_keywords.entry_id        6AHX 
_struct_keywords.text            'Copper-Sensing Operon Regulator Protein, METAL BINDING PROTEIN' 
_struct_keywords.pdbx_keywords   'METAL BINDING PROTEIN' 
# 
loop_
_struct_asym.id 
_struct_asym.pdbx_blank_PDB_chainid_flag 
_struct_asym.pdbx_modified 
_struct_asym.entity_id 
_struct_asym.details 
A N N 1 ? 
B N N 2 ? 
# 
_struct_ref.id                         1 
_struct_ref.db_name                    UNP 
_struct_ref.db_code                    S7SWX2_9BACI 
_struct_ref.pdbx_db_accession          S7SWX2 
_struct_ref.pdbx_db_isoform            ? 
_struct_ref.entity_id                  1 
_struct_ref.pdbx_seq_one_letter_code   
;MSEKNREHSHRHNHEHKYRKQVINRLARIEGHVRAIKEMAAEGRDCPDILLQIAAVRKALDSTAKVIFADHMESCLVDAV
HQGNEDQVLNDLKK
;
_struct_ref.pdbx_align_begin           1 
# 
_struct_ref_seq.align_id                      1 
_struct_ref_seq.ref_id                        1 
_struct_ref_seq.pdbx_PDB_id_code              6AHX 
_struct_ref_seq.pdbx_strand_id                A 
_struct_ref_seq.seq_align_beg                 1 
_struct_ref_seq.pdbx_seq_align_beg_ins_code   ? 
_struct_ref_seq.seq_align_end                 94 
_struct_ref_seq.pdbx_seq_align_end_ins_code   ? 
_struct_ref_seq.pdbx_db_accession             S7SWX2 
_struct_ref_seq.db_align_beg                  1 
_struct_ref_seq.pdbx_db_align_beg_ins_code    ? 
_struct_ref_seq.db_align_end                  94 
_struct_ref_seq.pdbx_db_align_end_ins_code    ? 
_struct_ref_seq.pdbx_auth_seq_align_beg       1 
_struct_ref_seq.pdbx_auth_seq_align_end       94 
# 
loop_
_struct_ref_seq_dif.align_id 
_struct_ref_seq_dif.pdbx_pdb_id_code 
_struct_ref_seq_dif.mon_id 
_struct_ref_seq_dif.pdbx_pdb_strand_id 
_struct_ref_seq_dif.seq_num 
_struct_ref_seq_dif.pdbx_pdb_ins_code 
_struct_ref_seq_dif.pdbx_seq_db_name 
_struct_ref_seq_dif.pdbx_seq_db_accession_code 
_struct_ref_seq_dif.db_mon_id 
_struct_ref_seq_dif.pdbx_seq_db_seq_num 
_struct_ref_seq_dif.details 
_struct_ref_seq_dif.pdbx_auth_seq_num 
_struct_ref_seq_dif.pdbx_ordinal 
1 6AHX LEU A 95  ? UNP S7SWX2 ? ? 'expression tag' 95  1 
1 6AHX HIS A 96  ? UNP S7SWX2 ? ? 'expression tag' 96  2 
1 6AHX HIS A 97  ? UNP S7SWX2 ? ? 'expression tag' 97  3 
1 6AHX HIS A 98  ? UNP S7SWX2 ? ? 'expression tag' 98  4 
1 6AHX HIS A 99  ? UNP S7SWX2 ? ? 'expression tag' 99  5 
1 6AHX HIS A 100 ? UNP S7SWX2 ? ? 'expression tag' 100 6 
1 6AHX HIS A 101 ? UNP S7SWX2 ? ? 'expression tag' 101 7 
# 
_pdbx_struct_assembly.id                   1 
_pdbx_struct_assembly.details              author_and_software_defined_assembly 
_pdbx_struct_assembly.method_details       PISA 
_pdbx_struct_assembly.oligomeric_details   dimeric 
_pdbx_struct_assembly.oligomeric_count     2 
# 
loop_
_pdbx_struct_assembly_prop.biol_id 
_pdbx_struct_assembly_prop.type 
_pdbx_struct_assembly_prop.value 
_pdbx_struct_assembly_prop.details 
1 'ABSA (A^2)' 2750 ? 
1 MORE         -28  ? 
1 'SSA (A^2)'  6720 ? 
# 
_pdbx_struct_assembly_gen.assembly_id       1 
_pdbx_struct_assembly_gen.oper_expression   1,2 
_pdbx_struct_assembly_gen.asym_id_list      A,B 
# 
_pdbx_struct_assembly_auth_evidence.id                     1 
_pdbx_struct_assembly_auth_evidence.assembly_id            1 
_pdbx_struct_assembly_auth_evidence.experimental_support   'gel filtration' 
_pdbx_struct_assembly_auth_evidence.details                'Gel filtration analysis does shows the presence of dimer in solution.' 
# 
loop_
_pdbx_struct_oper_list.id 
_pdbx_struct_oper_list.type 
_pdbx_struct_oper_list.name 
_pdbx_struct_oper_list.symmetry_operation 
_pdbx_struct_oper_list.matrix[1][1] 
_pdbx_struct_oper_list.matrix[1][2] 
_pdbx_struct_oper_list.matrix[1][3] 
_pdbx_struct_oper_list.vector[1] 
_pdbx_struct_oper_list.matrix[2][1] 
_pdbx_struct_oper_list.matrix[2][2] 
_pdbx_struct_oper_list.matrix[2][3] 
_pdbx_struct_oper_list.vector[2] 
_pdbx_struct_oper_list.matrix[3][1] 
_pdbx_struct_oper_list.matrix[3][2] 
_pdbx_struct_oper_list.matrix[3][3] 
_pdbx_struct_oper_list.vector[3] 
1 'identity operation'         1_555 x,y,z      1.0000000000 0.0000000000 0.0000000000  0.0000000000  0.0000000000 1.0000000000  0.0000000000  0.0000000000 0.0000000000  0.0000000000  1.0000000000  0.0000000000  
2 'crystal symmetry operation' 4_465 y-1,x+1,-z 0.8949097637 0.3915805148 -0.2140121849 -2.1382540192 0.3915805148 -0.9190804214 -0.0442253257 7.9560644271 -0.2140121849 -0.0442253257 -0.9758293423 -4.3752584229 
# 
loop_
_struct_conf.conf_type_id 
_struct_conf.id 
_struct_conf.pdbx_PDB_helix_id 
_struct_conf.beg_label_comp_id 
_struct_conf.beg_label_asym_id 
_struct_conf.beg_label_seq_id 
_struct_conf.pdbx_beg_PDB_ins_code 
_struct_conf.end_label_comp_id 
_struct_conf.end_label_asym_id 
_struct_conf.end_label_seq_id 
_struct_conf.pdbx_end_PDB_ins_code 
_struct_conf.beg_auth_comp_id 
_struct_conf.beg_auth_asym_id 
_struct_conf.beg_auth_seq_id 
_struct_conf.end_auth_comp_id 
_struct_conf.end_auth_asym_id 
_struct_conf.end_auth_seq_id 
_struct_conf.pdbx_PDB_helix_class 
_struct_conf.details 
_struct_conf.pdbx_PDB_helix_length 
HELX_P HELX_P1 AA1 ARG A 19 ? GLU A 42 ? ARG A 19 GLU A 42 1 ? 24 
HELX_P HELX_P2 AA2 ASP A 45 ? HIS A 71 ? ASP A 45 HIS A 71 1 ? 27 
HELX_P HELX_P3 AA3 HIS A 71 ? LEU A 76 ? HIS A 71 LEU A 76 1 ? 6  
# 
_struct_conf_type.id          HELX_P 
_struct_conf_type.criteria    ? 
_struct_conf_type.reference   ? 
# 
_struct_conn.id                            disulf1 
_struct_conn.conn_type_id                  disulf 
_struct_conn.pdbx_leaving_atom_flag        ? 
_struct_conn.pdbx_PDB_id                   ? 
_struct_conn.ptnr1_label_asym_id           A 
_struct_conn.ptnr1_label_comp_id           CYS 
_struct_conn.ptnr1_label_seq_id            46 
_struct_conn.ptnr1_label_atom_id           SG 
_struct_conn.pdbx_ptnr1_label_alt_id       ? 
_struct_conn.pdbx_ptnr1_PDB_ins_code       ? 
_struct_conn.pdbx_ptnr1_standard_comp_id   ? 
_struct_conn.ptnr1_symmetry                1_555 
_struct_conn.ptnr2_label_asym_id           A 
_struct_conn.ptnr2_label_comp_id           CYS 
_struct_conn.ptnr2_label_seq_id            75 
_struct_conn.ptnr2_label_atom_id           SG 
_struct_conn.pdbx_ptnr2_label_alt_id       ? 
_struct_conn.pdbx_ptnr2_PDB_ins_code       ? 
_struct_conn.ptnr1_auth_asym_id            A 
_struct_conn.ptnr1_auth_comp_id            CYS 
_struct_conn.ptnr1_auth_seq_id             46 
_struct_conn.ptnr2_auth_asym_id            A 
_struct_conn.ptnr2_auth_comp_id            CYS 
_struct_conn.ptnr2_auth_seq_id             75 
_struct_conn.ptnr2_symmetry                4_465 
_struct_conn.pdbx_ptnr3_label_atom_id      ? 
_struct_conn.pdbx_ptnr3_label_seq_id       ? 
_struct_conn.pdbx_ptnr3_label_comp_id      ? 
_struct_conn.pdbx_ptnr3_label_asym_id      ? 
_struct_conn.pdbx_ptnr3_label_alt_id       ? 
_struct_conn.pdbx_ptnr3_PDB_ins_code       ? 
_struct_conn.details                       ? 
_struct_conn.pdbx_dist_value               2.145 
_struct_conn.pdbx_value_order              ? 
_struct_conn.pdbx_role                     ? 
# 
_struct_conn_type.id          disulf 
_struct_conn_type.criteria    ? 
_struct_conn_type.reference   ? 
# 
_pdbx_modification_feature.ordinal                            1 
_pdbx_modification_feature.label_comp_id                      CYS 
_pdbx_modification_feature.label_asym_id                      A 
_pdbx_modification_feature.label_seq_id                       46 
_pdbx_modification_feature.label_alt_id                       ? 
_pdbx_modification_feature.modified_residue_label_comp_id     CYS 
_pdbx_modification_feature.modified_residue_label_asym_id     A 
_pdbx_modification_feature.modified_residue_label_seq_id      75 
_pdbx_modification_feature.modified_residue_label_alt_id      ? 
_pdbx_modification_feature.auth_comp_id                       CYS 
_pdbx_modification_feature.auth_asym_id                       A 
_pdbx_modification_feature.auth_seq_id                        46 
_pdbx_modification_feature.PDB_ins_code                       ? 
_pdbx_modification_feature.symmetry                           1_555 
_pdbx_modification_feature.modified_residue_auth_comp_id      CYS 
_pdbx_modification_feature.modified_residue_auth_asym_id      A 
_pdbx_modification_feature.modified_residue_auth_seq_id       75 
_pdbx_modification_feature.modified_residue_PDB_ins_code      ? 
_pdbx_modification_feature.modified_residue_symmetry          4_465 
_pdbx_modification_feature.comp_id_linking_atom               SG 
_pdbx_modification_feature.modified_residue_id_linking_atom   SG 
_pdbx_modification_feature.modified_residue_id                . 
_pdbx_modification_feature.ref_pcm_id                         . 
_pdbx_modification_feature.ref_comp_id                        . 
_pdbx_modification_feature.type                               None 
_pdbx_modification_feature.category                           'Disulfide bridge' 
# 
_pdbx_entry_details.entry_id                   6AHX 
_pdbx_entry_details.compound_details           ? 
_pdbx_entry_details.source_details             ? 
_pdbx_entry_details.nonpolymer_details         ? 
_pdbx_entry_details.sequence_details           ? 
_pdbx_entry_details.has_ligand_of_interest     ? 
_pdbx_entry_details.has_protein_modification   Y 
# 
_pdbx_validate_rmsd_angle.id                         1 
_pdbx_validate_rmsd_angle.PDB_model_num              1 
_pdbx_validate_rmsd_angle.auth_atom_id_1             NE 
_pdbx_validate_rmsd_angle.auth_asym_id_1             A 
_pdbx_validate_rmsd_angle.auth_comp_id_1             ARG 
_pdbx_validate_rmsd_angle.auth_seq_id_1              25 
_pdbx_validate_rmsd_angle.PDB_ins_code_1             ? 
_pdbx_validate_rmsd_angle.label_alt_id_1             ? 
_pdbx_validate_rmsd_angle.auth_atom_id_2             CZ 
_pdbx_validate_rmsd_angle.auth_asym_id_2             A 
_pdbx_validate_rmsd_angle.auth_comp_id_2             ARG 
_pdbx_validate_rmsd_angle.auth_seq_id_2              25 
_pdbx_validate_rmsd_angle.PDB_ins_code_2             ? 
_pdbx_validate_rmsd_angle.label_alt_id_2             ? 
_pdbx_validate_rmsd_angle.auth_atom_id_3             NH1 
_pdbx_validate_rmsd_angle.auth_asym_id_3             A 
_pdbx_validate_rmsd_angle.auth_comp_id_3             ARG 
_pdbx_validate_rmsd_angle.auth_seq_id_3              25 
_pdbx_validate_rmsd_angle.PDB_ins_code_3             ? 
_pdbx_validate_rmsd_angle.label_alt_id_3             ? 
_pdbx_validate_rmsd_angle.angle_value                124.35 
_pdbx_validate_rmsd_angle.angle_target_value         120.30 
_pdbx_validate_rmsd_angle.angle_deviation            4.05 
_pdbx_validate_rmsd_angle.angle_standard_deviation   0.50 
_pdbx_validate_rmsd_angle.linker_flag                N 
# 
loop_
_pdbx_unobs_or_zero_occ_residues.id 
_pdbx_unobs_or_zero_occ_residues.PDB_model_num 
_pdbx_unobs_or_zero_occ_residues.polymer_flag 
_pdbx_unobs_or_zero_occ_residues.occupancy_flag 
_pdbx_unobs_or_zero_occ_residues.auth_asym_id 
_pdbx_unobs_or_zero_occ_residues.auth_comp_id 
_pdbx_unobs_or_zero_occ_residues.auth_seq_id 
_pdbx_unobs_or_zero_occ_residues.PDB_ins_code 
_pdbx_unobs_or_zero_occ_residues.label_asym_id 
_pdbx_unobs_or_zero_occ_residues.label_comp_id 
_pdbx_unobs_or_zero_occ_residues.label_seq_id 
1  1 Y 1 A MET 1   ? A MET 1   
2  1 Y 1 A SER 2   ? A SER 2   
3  1 Y 1 A GLU 3   ? A GLU 3   
4  1 Y 1 A LYS 4   ? A LYS 4   
5  1 Y 1 A ASN 5   ? A ASN 5   
6  1 Y 1 A ARG 6   ? A ARG 6   
7  1 Y 1 A GLU 7   ? A GLU 7   
8  1 Y 1 A HIS 8   ? A HIS 8   
9  1 Y 1 A SER 9   ? A SER 9   
10 1 Y 1 A HIS 10  ? A HIS 10  
11 1 Y 1 A ARG 11  ? A ARG 11  
12 1 Y 1 A HIS 12  ? A HIS 12  
13 1 Y 1 A ASN 13  ? A ASN 13  
14 1 Y 1 A HIS 14  ? A HIS 14  
15 1 Y 1 A GLU 15  ? A GLU 15  
16 1 Y 1 A HIS 16  ? A HIS 16  
17 1 Y 1 A VAL 77  ? A VAL 77  
18 1 Y 1 A ASP 78  ? A ASP 78  
19 1 Y 1 A ALA 79  ? A ALA 79  
20 1 Y 1 A VAL 80  ? A VAL 80  
21 1 Y 1 A HIS 81  ? A HIS 81  
22 1 Y 1 A GLN 82  ? A GLN 82  
23 1 Y 1 A GLY 83  ? A GLY 83  
24 1 Y 1 A ASN 84  ? A ASN 84  
25 1 Y 1 A GLU 85  ? A GLU 85  
26 1 Y 1 A ASP 86  ? A ASP 86  
27 1 Y 1 A GLN 87  ? A GLN 87  
28 1 Y 1 A VAL 88  ? A VAL 88  
29 1 Y 1 A LEU 89  ? A LEU 89  
30 1 Y 1 A ASN 90  ? A ASN 90  
31 1 Y 1 A ASP 91  ? A ASP 91  
32 1 Y 1 A LEU 92  ? A LEU 92  
33 1 Y 1 A LYS 93  ? A LYS 93  
34 1 Y 1 A LYS 94  ? A LYS 94  
35 1 Y 1 A LEU 95  ? A LEU 95  
36 1 Y 1 A HIS 96  ? A HIS 96  
37 1 Y 1 A HIS 97  ? A HIS 97  
38 1 Y 1 A HIS 98  ? A HIS 98  
39 1 Y 1 A HIS 99  ? A HIS 99  
40 1 Y 1 A HIS 100 ? A HIS 100 
41 1 Y 1 A HIS 101 ? A HIS 101 
# 
loop_
_chem_comp_atom.comp_id 
_chem_comp_atom.atom_id 
_chem_comp_atom.type_symbol 
_chem_comp_atom.pdbx_aromatic_flag 
_chem_comp_atom.pdbx_stereo_config 
_chem_comp_atom.pdbx_ordinal 
ALA N    N N N 1   
ALA CA   C N S 2   
ALA C    C N N 3   
ALA O    O N N 4   
ALA CB   C N N 5   
ALA OXT  O N N 6   
ALA H    H N N 7   
ALA H2   H N N 8   
ALA HA   H N N 9   
ALA HB1  H N N 10  
ALA HB2  H N N 11  
ALA HB3  H N N 12  
ALA HXT  H N N 13  
ARG N    N N N 14  
ARG CA   C N S 15  
ARG C    C N N 16  
ARG O    O N N 17  
ARG CB   C N N 18  
ARG CG   C N N 19  
ARG CD   C N N 20  
ARG NE   N N N 21  
ARG CZ   C N N 22  
ARG NH1  N N N 23  
ARG NH2  N N N 24  
ARG OXT  O N N 25  
ARG H    H N N 26  
ARG H2   H N N 27  
ARG HA   H N N 28  
ARG HB2  H N N 29  
ARG HB3  H N N 30  
ARG HG2  H N N 31  
ARG HG3  H N N 32  
ARG HD2  H N N 33  
ARG HD3  H N N 34  
ARG HE   H N N 35  
ARG HH11 H N N 36  
ARG HH12 H N N 37  
ARG HH21 H N N 38  
ARG HH22 H N N 39  
ARG HXT  H N N 40  
ASN N    N N N 41  
ASN CA   C N S 42  
ASN C    C N N 43  
ASN O    O N N 44  
ASN CB   C N N 45  
ASN CG   C N N 46  
ASN OD1  O N N 47  
ASN ND2  N N N 48  
ASN OXT  O N N 49  
ASN H    H N N 50  
ASN H2   H N N 51  
ASN HA   H N N 52  
ASN HB2  H N N 53  
ASN HB3  H N N 54  
ASN HD21 H N N 55  
ASN HD22 H N N 56  
ASN HXT  H N N 57  
ASP N    N N N 58  
ASP CA   C N S 59  
ASP C    C N N 60  
ASP O    O N N 61  
ASP CB   C N N 62  
ASP CG   C N N 63  
ASP OD1  O N N 64  
ASP OD2  O N N 65  
ASP OXT  O N N 66  
ASP H    H N N 67  
ASP H2   H N N 68  
ASP HA   H N N 69  
ASP HB2  H N N 70  
ASP HB3  H N N 71  
ASP HD2  H N N 72  
ASP HXT  H N N 73  
CYS N    N N N 74  
CYS CA   C N R 75  
CYS C    C N N 76  
CYS O    O N N 77  
CYS CB   C N N 78  
CYS SG   S N N 79  
CYS OXT  O N N 80  
CYS H    H N N 81  
CYS H2   H N N 82  
CYS HA   H N N 83  
CYS HB2  H N N 84  
CYS HB3  H N N 85  
CYS HG   H N N 86  
CYS HXT  H N N 87  
GLN N    N N N 88  
GLN CA   C N S 89  
GLN C    C N N 90  
GLN O    O N N 91  
GLN CB   C N N 92  
GLN CG   C N N 93  
GLN CD   C N N 94  
GLN OE1  O N N 95  
GLN NE2  N N N 96  
GLN OXT  O N N 97  
GLN H    H N N 98  
GLN H2   H N N 99  
GLN HA   H N N 100 
GLN HB2  H N N 101 
GLN HB3  H N N 102 
GLN HG2  H N N 103 
GLN HG3  H N N 104 
GLN HE21 H N N 105 
GLN HE22 H N N 106 
GLN HXT  H N N 107 
GLU N    N N N 108 
GLU CA   C N S 109 
GLU C    C N N 110 
GLU O    O N N 111 
GLU CB   C N N 112 
GLU CG   C N N 113 
GLU CD   C N N 114 
GLU OE1  O N N 115 
GLU OE2  O N N 116 
GLU OXT  O N N 117 
GLU H    H N N 118 
GLU H2   H N N 119 
GLU HA   H N N 120 
GLU HB2  H N N 121 
GLU HB3  H N N 122 
GLU HG2  H N N 123 
GLU HG3  H N N 124 
GLU HE2  H N N 125 
GLU HXT  H N N 126 
GLY N    N N N 127 
GLY CA   C N N 128 
GLY C    C N N 129 
GLY O    O N N 130 
GLY OXT  O N N 131 
GLY H    H N N 132 
GLY H2   H N N 133 
GLY HA2  H N N 134 
GLY HA3  H N N 135 
GLY HXT  H N N 136 
HIS N    N N N 137 
HIS CA   C N S 138 
HIS C    C N N 139 
HIS O    O N N 140 
HIS CB   C N N 141 
HIS CG   C Y N 142 
HIS ND1  N Y N 143 
HIS CD2  C Y N 144 
HIS CE1  C Y N 145 
HIS NE2  N Y N 146 
HIS OXT  O N N 147 
HIS H    H N N 148 
HIS H2   H N N 149 
HIS HA   H N N 150 
HIS HB2  H N N 151 
HIS HB3  H N N 152 
HIS HD1  H N N 153 
HIS HD2  H N N 154 
HIS HE1  H N N 155 
HIS HE2  H N N 156 
HIS HXT  H N N 157 
HOH O    O N N 158 
HOH H1   H N N 159 
HOH H2   H N N 160 
ILE N    N N N 161 
ILE CA   C N S 162 
ILE C    C N N 163 
ILE O    O N N 164 
ILE CB   C N S 165 
ILE CG1  C N N 166 
ILE CG2  C N N 167 
ILE CD1  C N N 168 
ILE OXT  O N N 169 
ILE H    H N N 170 
ILE H2   H N N 171 
ILE HA   H N N 172 
ILE HB   H N N 173 
ILE HG12 H N N 174 
ILE HG13 H N N 175 
ILE HG21 H N N 176 
ILE HG22 H N N 177 
ILE HG23 H N N 178 
ILE HD11 H N N 179 
ILE HD12 H N N 180 
ILE HD13 H N N 181 
ILE HXT  H N N 182 
LEU N    N N N 183 
LEU CA   C N S 184 
LEU C    C N N 185 
LEU O    O N N 186 
LEU CB   C N N 187 
LEU CG   C N N 188 
LEU CD1  C N N 189 
LEU CD2  C N N 190 
LEU OXT  O N N 191 
LEU H    H N N 192 
LEU H2   H N N 193 
LEU HA   H N N 194 
LEU HB2  H N N 195 
LEU HB3  H N N 196 
LEU HG   H N N 197 
LEU HD11 H N N 198 
LEU HD12 H N N 199 
LEU HD13 H N N 200 
LEU HD21 H N N 201 
LEU HD22 H N N 202 
LEU HD23 H N N 203 
LEU HXT  H N N 204 
LYS N    N N N 205 
LYS CA   C N S 206 
LYS C    C N N 207 
LYS O    O N N 208 
LYS CB   C N N 209 
LYS CG   C N N 210 
LYS CD   C N N 211 
LYS CE   C N N 212 
LYS NZ   N N N 213 
LYS OXT  O N N 214 
LYS H    H N N 215 
LYS H2   H N N 216 
LYS HA   H N N 217 
LYS HB2  H N N 218 
LYS HB3  H N N 219 
LYS HG2  H N N 220 
LYS HG3  H N N 221 
LYS HD2  H N N 222 
LYS HD3  H N N 223 
LYS HE2  H N N 224 
LYS HE3  H N N 225 
LYS HZ1  H N N 226 
LYS HZ2  H N N 227 
LYS HZ3  H N N 228 
LYS HXT  H N N 229 
MET N    N N N 230 
MET CA   C N S 231 
MET C    C N N 232 
MET O    O N N 233 
MET CB   C N N 234 
MET CG   C N N 235 
MET SD   S N N 236 
MET CE   C N N 237 
MET OXT  O N N 238 
MET H    H N N 239 
MET H2   H N N 240 
MET HA   H N N 241 
MET HB2  H N N 242 
MET HB3  H N N 243 
MET HG2  H N N 244 
MET HG3  H N N 245 
MET HE1  H N N 246 
MET HE2  H N N 247 
MET HE3  H N N 248 
MET HXT  H N N 249 
PHE N    N N N 250 
PHE CA   C N S 251 
PHE C    C N N 252 
PHE O    O N N 253 
PHE CB   C N N 254 
PHE CG   C Y N 255 
PHE CD1  C Y N 256 
PHE CD2  C Y N 257 
PHE CE1  C Y N 258 
PHE CE2  C Y N 259 
PHE CZ   C Y N 260 
PHE OXT  O N N 261 
PHE H    H N N 262 
PHE H2   H N N 263 
PHE HA   H N N 264 
PHE HB2  H N N 265 
PHE HB3  H N N 266 
PHE HD1  H N N 267 
PHE HD2  H N N 268 
PHE HE1  H N N 269 
PHE HE2  H N N 270 
PHE HZ   H N N 271 
PHE HXT  H N N 272 
PRO N    N N N 273 
PRO CA   C N S 274 
PRO C    C N N 275 
PRO O    O N N 276 
PRO CB   C N N 277 
PRO CG   C N N 278 
PRO CD   C N N 279 
PRO OXT  O N N 280 
PRO H    H N N 281 
PRO HA   H N N 282 
PRO HB2  H N N 283 
PRO HB3  H N N 284 
PRO HG2  H N N 285 
PRO HG3  H N N 286 
PRO HD2  H N N 287 
PRO HD3  H N N 288 
PRO HXT  H N N 289 
SER N    N N N 290 
SER CA   C N S 291 
SER C    C N N 292 
SER O    O N N 293 
SER CB   C N N 294 
SER OG   O N N 295 
SER OXT  O N N 296 
SER H    H N N 297 
SER H2   H N N 298 
SER HA   H N N 299 
SER HB2  H N N 300 
SER HB3  H N N 301 
SER HG   H N N 302 
SER HXT  H N N 303 
THR N    N N N 304 
THR CA   C N S 305 
THR C    C N N 306 
THR O    O N N 307 
THR CB   C N R 308 
THR OG1  O N N 309 
THR CG2  C N N 310 
THR OXT  O N N 311 
THR H    H N N 312 
THR H2   H N N 313 
THR HA   H N N 314 
THR HB   H N N 315 
THR HG1  H N N 316 
THR HG21 H N N 317 
THR HG22 H N N 318 
THR HG23 H N N 319 
THR HXT  H N N 320 
TYR N    N N N 321 
TYR CA   C N S 322 
TYR C    C N N 323 
TYR O    O N N 324 
TYR CB   C N N 325 
TYR CG   C Y N 326 
TYR CD1  C Y N 327 
TYR CD2  C Y N 328 
TYR CE1  C Y N 329 
TYR CE2  C Y N 330 
TYR CZ   C Y N 331 
TYR OH   O N N 332 
TYR OXT  O N N 333 
TYR H    H N N 334 
TYR H2   H N N 335 
TYR HA   H N N 336 
TYR HB2  H N N 337 
TYR HB3  H N N 338 
TYR HD1  H N N 339 
TYR HD2  H N N 340 
TYR HE1  H N N 341 
TYR HE2  H N N 342 
TYR HH   H N N 343 
TYR HXT  H N N 344 
VAL N    N N N 345 
VAL CA   C N S 346 
VAL C    C N N 347 
VAL O    O N N 348 
VAL CB   C N N 349 
VAL CG1  C N N 350 
VAL CG2  C N N 351 
VAL OXT  O N N 352 
VAL H    H N N 353 
VAL H2   H N N 354 
VAL HA   H N N 355 
VAL HB   H N N 356 
VAL HG11 H N N 357 
VAL HG12 H N N 358 
VAL HG13 H N N 359 
VAL HG21 H N N 360 
VAL HG22 H N N 361 
VAL HG23 H N N 362 
VAL HXT  H N N 363 
# 
loop_
_chem_comp_bond.comp_id 
_chem_comp_bond.atom_id_1 
_chem_comp_bond.atom_id_2 
_chem_comp_bond.value_order 
_chem_comp_bond.pdbx_aromatic_flag 
_chem_comp_bond.pdbx_stereo_config 
_chem_comp_bond.pdbx_ordinal 
ALA N   CA   sing N N 1   
ALA N   H    sing N N 2   
ALA N   H2   sing N N 3   
ALA CA  C    sing N N 4   
ALA CA  CB   sing N N 5   
ALA CA  HA   sing N N 6   
ALA C   O    doub N N 7   
ALA C   OXT  sing N N 8   
ALA CB  HB1  sing N N 9   
ALA CB  HB2  sing N N 10  
ALA CB  HB3  sing N N 11  
ALA OXT HXT  sing N N 12  
ARG N   CA   sing N N 13  
ARG N   H    sing N N 14  
ARG N   H2   sing N N 15  
ARG CA  C    sing N N 16  
ARG CA  CB   sing N N 17  
ARG CA  HA   sing N N 18  
ARG C   O    doub N N 19  
ARG C   OXT  sing N N 20  
ARG CB  CG   sing N N 21  
ARG CB  HB2  sing N N 22  
ARG CB  HB3  sing N N 23  
ARG CG  CD   sing N N 24  
ARG CG  HG2  sing N N 25  
ARG CG  HG3  sing N N 26  
ARG CD  NE   sing N N 27  
ARG CD  HD2  sing N N 28  
ARG CD  HD3  sing N N 29  
ARG NE  CZ   sing N N 30  
ARG NE  HE   sing N N 31  
ARG CZ  NH1  sing N N 32  
ARG CZ  NH2  doub N N 33  
ARG NH1 HH11 sing N N 34  
ARG NH1 HH12 sing N N 35  
ARG NH2 HH21 sing N N 36  
ARG NH2 HH22 sing N N 37  
ARG OXT HXT  sing N N 38  
ASN N   CA   sing N N 39  
ASN N   H    sing N N 40  
ASN N   H2   sing N N 41  
ASN CA  C    sing N N 42  
ASN CA  CB   sing N N 43  
ASN CA  HA   sing N N 44  
ASN C   O    doub N N 45  
ASN C   OXT  sing N N 46  
ASN CB  CG   sing N N 47  
ASN CB  HB2  sing N N 48  
ASN CB  HB3  sing N N 49  
ASN CG  OD1  doub N N 50  
ASN CG  ND2  sing N N 51  
ASN ND2 HD21 sing N N 52  
ASN ND2 HD22 sing N N 53  
ASN OXT HXT  sing N N 54  
ASP N   CA   sing N N 55  
ASP N   H    sing N N 56  
ASP N   H2   sing N N 57  
ASP CA  C    sing N N 58  
ASP CA  CB   sing N N 59  
ASP CA  HA   sing N N 60  
ASP C   O    doub N N 61  
ASP C   OXT  sing N N 62  
ASP CB  CG   sing N N 63  
ASP CB  HB2  sing N N 64  
ASP CB  HB3  sing N N 65  
ASP CG  OD1  doub N N 66  
ASP CG  OD2  sing N N 67  
ASP OD2 HD2  sing N N 68  
ASP OXT HXT  sing N N 69  
CYS N   CA   sing N N 70  
CYS N   H    sing N N 71  
CYS N   H2   sing N N 72  
CYS CA  C    sing N N 73  
CYS CA  CB   sing N N 74  
CYS CA  HA   sing N N 75  
CYS C   O    doub N N 76  
CYS C   OXT  sing N N 77  
CYS CB  SG   sing N N 78  
CYS CB  HB2  sing N N 79  
CYS CB  HB3  sing N N 80  
CYS SG  HG   sing N N 81  
CYS OXT HXT  sing N N 82  
GLN N   CA   sing N N 83  
GLN N   H    sing N N 84  
GLN N   H2   sing N N 85  
GLN CA  C    sing N N 86  
GLN CA  CB   sing N N 87  
GLN CA  HA   sing N N 88  
GLN C   O    doub N N 89  
GLN C   OXT  sing N N 90  
GLN CB  CG   sing N N 91  
GLN CB  HB2  sing N N 92  
GLN CB  HB3  sing N N 93  
GLN CG  CD   sing N N 94  
GLN CG  HG2  sing N N 95  
GLN CG  HG3  sing N N 96  
GLN CD  OE1  doub N N 97  
GLN CD  NE2  sing N N 98  
GLN NE2 HE21 sing N N 99  
GLN NE2 HE22 sing N N 100 
GLN OXT HXT  sing N N 101 
GLU N   CA   sing N N 102 
GLU N   H    sing N N 103 
GLU N   H2   sing N N 104 
GLU CA  C    sing N N 105 
GLU CA  CB   sing N N 106 
GLU CA  HA   sing N N 107 
GLU C   O    doub N N 108 
GLU C   OXT  sing N N 109 
GLU CB  CG   sing N N 110 
GLU CB  HB2  sing N N 111 
GLU CB  HB3  sing N N 112 
GLU CG  CD   sing N N 113 
GLU CG  HG2  sing N N 114 
GLU CG  HG3  sing N N 115 
GLU CD  OE1  doub N N 116 
GLU CD  OE2  sing N N 117 
GLU OE2 HE2  sing N N 118 
GLU OXT HXT  sing N N 119 
GLY N   CA   sing N N 120 
GLY N   H    sing N N 121 
GLY N   H2   sing N N 122 
GLY CA  C    sing N N 123 
GLY CA  HA2  sing N N 124 
GLY CA  HA3  sing N N 125 
GLY C   O    doub N N 126 
GLY C   OXT  sing N N 127 
GLY OXT HXT  sing N N 128 
HIS N   CA   sing N N 129 
HIS N   H    sing N N 130 
HIS N   H2   sing N N 131 
HIS CA  C    sing N N 132 
HIS CA  CB   sing N N 133 
HIS CA  HA   sing N N 134 
HIS C   O    doub N N 135 
HIS C   OXT  sing N N 136 
HIS CB  CG   sing N N 137 
HIS CB  HB2  sing N N 138 
HIS CB  HB3  sing N N 139 
HIS CG  ND1  sing Y N 140 
HIS CG  CD2  doub Y N 141 
HIS ND1 CE1  doub Y N 142 
HIS ND1 HD1  sing N N 143 
HIS CD2 NE2  sing Y N 144 
HIS CD2 HD2  sing N N 145 
HIS CE1 NE2  sing Y N 146 
HIS CE1 HE1  sing N N 147 
HIS NE2 HE2  sing N N 148 
HIS OXT HXT  sing N N 149 
HOH O   H1   sing N N 150 
HOH O   H2   sing N N 151 
ILE N   CA   sing N N 152 
ILE N   H    sing N N 153 
ILE N   H2   sing N N 154 
ILE CA  C    sing N N 155 
ILE CA  CB   sing N N 156 
ILE CA  HA   sing N N 157 
ILE C   O    doub N N 158 
ILE C   OXT  sing N N 159 
ILE CB  CG1  sing N N 160 
ILE CB  CG2  sing N N 161 
ILE CB  HB   sing N N 162 
ILE CG1 CD1  sing N N 163 
ILE CG1 HG12 sing N N 164 
ILE CG1 HG13 sing N N 165 
ILE CG2 HG21 sing N N 166 
ILE CG2 HG22 sing N N 167 
ILE CG2 HG23 sing N N 168 
ILE CD1 HD11 sing N N 169 
ILE CD1 HD12 sing N N 170 
ILE CD1 HD13 sing N N 171 
ILE OXT HXT  sing N N 172 
LEU N   CA   sing N N 173 
LEU N   H    sing N N 174 
LEU N   H2   sing N N 175 
LEU CA  C    sing N N 176 
LEU CA  CB   sing N N 177 
LEU CA  HA   sing N N 178 
LEU C   O    doub N N 179 
LEU C   OXT  sing N N 180 
LEU CB  CG   sing N N 181 
LEU CB  HB2  sing N N 182 
LEU CB  HB3  sing N N 183 
LEU CG  CD1  sing N N 184 
LEU CG  CD2  sing N N 185 
LEU CG  HG   sing N N 186 
LEU CD1 HD11 sing N N 187 
LEU CD1 HD12 sing N N 188 
LEU CD1 HD13 sing N N 189 
LEU CD2 HD21 sing N N 190 
LEU CD2 HD22 sing N N 191 
LEU CD2 HD23 sing N N 192 
LEU OXT HXT  sing N N 193 
LYS N   CA   sing N N 194 
LYS N   H    sing N N 195 
LYS N   H2   sing N N 196 
LYS CA  C    sing N N 197 
LYS CA  CB   sing N N 198 
LYS CA  HA   sing N N 199 
LYS C   O    doub N N 200 
LYS C   OXT  sing N N 201 
LYS CB  CG   sing N N 202 
LYS CB  HB2  sing N N 203 
LYS CB  HB3  sing N N 204 
LYS CG  CD   sing N N 205 
LYS CG  HG2  sing N N 206 
LYS CG  HG3  sing N N 207 
LYS CD  CE   sing N N 208 
LYS CD  HD2  sing N N 209 
LYS CD  HD3  sing N N 210 
LYS CE  NZ   sing N N 211 
LYS CE  HE2  sing N N 212 
LYS CE  HE3  sing N N 213 
LYS NZ  HZ1  sing N N 214 
LYS NZ  HZ2  sing N N 215 
LYS NZ  HZ3  sing N N 216 
LYS OXT HXT  sing N N 217 
MET N   CA   sing N N 218 
MET N   H    sing N N 219 
MET N   H2   sing N N 220 
MET CA  C    sing N N 221 
MET CA  CB   sing N N 222 
MET CA  HA   sing N N 223 
MET C   O    doub N N 224 
MET C   OXT  sing N N 225 
MET CB  CG   sing N N 226 
MET CB  HB2  sing N N 227 
MET CB  HB3  sing N N 228 
MET CG  SD   sing N N 229 
MET CG  HG2  sing N N 230 
MET CG  HG3  sing N N 231 
MET SD  CE   sing N N 232 
MET CE  HE1  sing N N 233 
MET CE  HE2  sing N N 234 
MET CE  HE3  sing N N 235 
MET OXT HXT  sing N N 236 
PHE N   CA   sing N N 237 
PHE N   H    sing N N 238 
PHE N   H2   sing N N 239 
PHE CA  C    sing N N 240 
PHE CA  CB   sing N N 241 
PHE CA  HA   sing N N 242 
PHE C   O    doub N N 243 
PHE C   OXT  sing N N 244 
PHE CB  CG   sing N N 245 
PHE CB  HB2  sing N N 246 
PHE CB  HB3  sing N N 247 
PHE CG  CD1  doub Y N 248 
PHE CG  CD2  sing Y N 249 
PHE CD1 CE1  sing Y N 250 
PHE CD1 HD1  sing N N 251 
PHE CD2 CE2  doub Y N 252 
PHE CD2 HD2  sing N N 253 
PHE CE1 CZ   doub Y N 254 
PHE CE1 HE1  sing N N 255 
PHE CE2 CZ   sing Y N 256 
PHE CE2 HE2  sing N N 257 
PHE CZ  HZ   sing N N 258 
PHE OXT HXT  sing N N 259 
PRO N   CA   sing N N 260 
PRO N   CD   sing N N 261 
PRO N   H    sing N N 262 
PRO CA  C    sing N N 263 
PRO CA  CB   sing N N 264 
PRO CA  HA   sing N N 265 
PRO C   O    doub N N 266 
PRO C   OXT  sing N N 267 
PRO CB  CG   sing N N 268 
PRO CB  HB2  sing N N 269 
PRO CB  HB3  sing N N 270 
PRO CG  CD   sing N N 271 
PRO CG  HG2  sing N N 272 
PRO CG  HG3  sing N N 273 
PRO CD  HD2  sing N N 274 
PRO CD  HD3  sing N N 275 
PRO OXT HXT  sing N N 276 
SER N   CA   sing N N 277 
SER N   H    sing N N 278 
SER N   H2   sing N N 279 
SER CA  C    sing N N 280 
SER CA  CB   sing N N 281 
SER CA  HA   sing N N 282 
SER C   O    doub N N 283 
SER C   OXT  sing N N 284 
SER CB  OG   sing N N 285 
SER CB  HB2  sing N N 286 
SER CB  HB3  sing N N 287 
SER OG  HG   sing N N 288 
SER OXT HXT  sing N N 289 
THR N   CA   sing N N 290 
THR N   H    sing N N 291 
THR N   H2   sing N N 292 
THR CA  C    sing N N 293 
THR CA  CB   sing N N 294 
THR CA  HA   sing N N 295 
THR C   O    doub N N 296 
THR C   OXT  sing N N 297 
THR CB  OG1  sing N N 298 
THR CB  CG2  sing N N 299 
THR CB  HB   sing N N 300 
THR OG1 HG1  sing N N 301 
THR CG2 HG21 sing N N 302 
THR CG2 HG22 sing N N 303 
THR CG2 HG23 sing N N 304 
THR OXT HXT  sing N N 305 
TYR N   CA   sing N N 306 
TYR N   H    sing N N 307 
TYR N   H2   sing N N 308 
TYR CA  C    sing N N 309 
TYR CA  CB   sing N N 310 
TYR CA  HA   sing N N 311 
TYR C   O    doub N N 312 
TYR C   OXT  sing N N 313 
TYR CB  CG   sing N N 314 
TYR CB  HB2  sing N N 315 
TYR CB  HB3  sing N N 316 
TYR CG  CD1  doub Y N 317 
TYR CG  CD2  sing Y N 318 
TYR CD1 CE1  sing Y N 319 
TYR CD1 HD1  sing N N 320 
TYR CD2 CE2  doub Y N 321 
TYR CD2 HD2  sing N N 322 
TYR CE1 CZ   doub Y N 323 
TYR CE1 HE1  sing N N 324 
TYR CE2 CZ   sing Y N 325 
TYR CE2 HE2  sing N N 326 
TYR CZ  OH   sing N N 327 
TYR OH  HH   sing N N 328 
TYR OXT HXT  sing N N 329 
VAL N   CA   sing N N 330 
VAL N   H    sing N N 331 
VAL N   H2   sing N N 332 
VAL CA  C    sing N N 333 
VAL CA  CB   sing N N 334 
VAL CA  HA   sing N N 335 
VAL C   O    doub N N 336 
VAL C   OXT  sing N N 337 
VAL CB  CG1  sing N N 338 
VAL CB  CG2  sing N N 339 
VAL CB  HB   sing N N 340 
VAL CG1 HG11 sing N N 341 
VAL CG1 HG12 sing N N 342 
VAL CG1 HG13 sing N N 343 
VAL CG2 HG21 sing N N 344 
VAL CG2 HG22 sing N N 345 
VAL CG2 HG23 sing N N 346 
VAL OXT HXT  sing N N 347 
# 
_pdbx_audit_support.funding_organization   'Universiti Putra Malaysia Putra Postgraduate Initiative Grant' 
_pdbx_audit_support.country                Malaysia 
_pdbx_audit_support.grant_number           9502200 
_pdbx_audit_support.ordinal                1 
# 
_pdbx_initial_refinement_model.id               1 
_pdbx_initial_refinement_model.entity_id_list   ? 
_pdbx_initial_refinement_model.type             'experimental model' 
_pdbx_initial_refinement_model.source_name      PDB 
_pdbx_initial_refinement_model.accession_code   3AAI 
_pdbx_initial_refinement_model.details          ? 
# 
_atom_sites.entry_id                    6AHX 
_atom_sites.fract_transf_matrix[1][1]   -0.01880373 
_atom_sites.fract_transf_matrix[1][2]   -0.01573749 
_atom_sites.fract_transf_matrix[1][3]   0.00807047 
_atom_sites.fract_transf_matrix[2][1]   -0.02471798 
_atom_sites.fract_transf_matrix[2][2]   0.00674392 
_atom_sites.fract_transf_matrix[2][3]   -0.00315517 
_atom_sites.fract_transf_matrix[3][1]   -0.00010038 
_atom_sites.fract_transf_matrix[3][2]   -0.00544429 
_atom_sites.fract_transf_matrix[3][3]   -0.01085031 
_atom_sites.fract_transf_vector[1]      -0.490539 
_atom_sites.fract_transf_vector[2]      0.389146 
_atom_sites.fract_transf_vector[3]      -0.002186 
# 
loop_
_atom_type.symbol 
C 
N 
O 
S 
# 
loop_
_atom_site.group_PDB 
_atom_site.id 
_atom_site.type_symbol 
_atom_site.label_atom_id 
_atom_site.label_alt_id 
_atom_site.label_comp_id 
_atom_site.label_asym_id 
_atom_site.label_entity_id 
_atom_site.label_seq_id 
_atom_site.pdbx_PDB_ins_code 
_atom_site.Cartn_x 
_atom_site.Cartn_y 
_atom_site.Cartn_z 
_atom_site.occupancy 
_atom_site.B_iso_or_equiv 
_atom_site.pdbx_formal_charge 
_atom_site.auth_seq_id 
_atom_site.auth_comp_id 
_atom_site.auth_asym_id 
_atom_site.auth_atom_id 
_atom_site.pdbx_PDB_model_num 
ATOM   1   N N   . LYS A 1 17 ? 7.347   2.236  18.765  1.00 56.89  ? 17  LYS A N   1 
ATOM   2   C CA  . LYS A 1 17 ? 5.852   2.543  18.753  1.00 49.57  ? 17  LYS A CA  1 
ATOM   3   C C   . LYS A 1 17 ? 5.082   1.732  17.722  1.00 42.65  ? 17  LYS A C   1 
ATOM   4   O O   . LYS A 1 17 ? 4.147   1.075  18.098  1.00 42.25  ? 17  LYS A O   1 
ATOM   5   C CB  . LYS A 1 17 ? 5.547   4.023  18.556  1.00 50.16  ? 17  LYS A CB  1 
ATOM   6   C CG  . LYS A 1 17 ? 4.064   4.331  18.600  1.00 48.39  ? 17  LYS A CG  1 
ATOM   7   C CD  . LYS A 1 17 ? 3.799   5.761  19.063  1.00 51.94  ? 17  LYS A CD  1 
ATOM   8   C CE  . LYS A 1 17 ? 2.523   6.324  18.445  1.00 55.09  ? 17  LYS A CE  1 
ATOM   9   N NZ  . LYS A 1 17 ? 1.210   5.759  18.885  1.00 53.30  ? 17  LYS A NZ  1 
ATOM   10  N N   . TYR A 1 18 ? 5.450   1.765  16.440  1.00 38.13  ? 18  TYR A N   1 
ATOM   11  C CA  . TYR A 1 18 ? 4.772   0.901  15.442  1.00 35.61  ? 18  TYR A CA  1 
ATOM   12  C C   . TYR A 1 18 ? 5.613   -0.311 15.179  1.00 37.66  ? 18  TYR A C   1 
ATOM   13  O O   . TYR A 1 18 ? 6.838   -0.211 15.072  1.00 36.22  ? 18  TYR A O   1 
ATOM   14  C CB  . TYR A 1 18 ? 4.453   1.659  14.123  1.00 31.91  ? 18  TYR A CB  1 
ATOM   15  C CG  . TYR A 1 18 ? 3.463   2.758  14.364  1.00 29.00  ? 18  TYR A CG  1 
ATOM   16  C CD1 . TYR A 1 18 ? 2.136   2.481  14.528  1.00 28.31  ? 18  TYR A CD1 1 
ATOM   17  C CD2 . TYR A 1 18 ? 3.871   4.064  14.498  1.00 28.93  ? 18  TYR A CD2 1 
ATOM   18  C CE1 . TYR A 1 18 ? 1.233   3.492  14.775  1.00 31.17  ? 18  TYR A CE1 1 
ATOM   19  C CE2 . TYR A 1 18 ? 2.979   5.095  14.754  1.00 26.60  ? 18  TYR A CE2 1 
ATOM   20  C CZ  . TYR A 1 18 ? 1.677   4.804  14.905  1.00 27.88  ? 18  TYR A CZ  1 
ATOM   21  O OH  . TYR A 1 18 ? 0.801   5.786  15.203  1.00 29.84  ? 18  TYR A OH  1 
ATOM   22  N N   . ARG A 1 19 ? 4.976   -1.460 15.033  1.00 38.20  ? 19  ARG A N   1 
ATOM   23  C CA  . ARG A 1 19 ? 5.746   -2.652 14.699  1.00 44.38  ? 19  ARG A CA  1 
ATOM   24  C C   . ARG A 1 19 ? 6.484   -2.488 13.391  1.00 48.62  ? 19  ARG A C   1 
ATOM   25  O O   . ARG A 1 19 ? 5.982   -1.862 12.447  1.00 46.31  ? 19  ARG A O   1 
ATOM   26  C CB  . ARG A 1 19 ? 4.878   -3.888 14.693  1.00 51.91  ? 19  ARG A CB  1 
ATOM   27  C CG  . ARG A 1 19 ? 4.568   -4.340 16.136  1.00 62.73  ? 19  ARG A CG  1 
ATOM   28  C CD  . ARG A 1 19 ? 3.699   -5.601 16.260  1.00 71.42  ? 19  ARG A CD  1 
ATOM   29  N NE  . ARG A 1 19 ? 2.472   -5.492 15.455  1.00 74.94  ? 19  ARG A NE  1 
ATOM   30  C CZ  . ARG A 1 19 ? 2.309   -5.914 14.199  1.00 72.67  ? 19  ARG A CZ  1 
ATOM   31  N NH1 . ARG A 1 19 ? 3.288   -6.538 13.547  1.00 77.32  ? 19  ARG A NH1 1 
ATOM   32  N NH2 . ARG A 1 19 ? 1.139   -5.717 13.585  1.00 74.72  ? 19  ARG A NH2 1 
ATOM   33  N N   . LYS A 1 20 ? 7.712   -3.002 13.363  1.00 51.13  ? 20  LYS A N   1 
ATOM   34  C CA  . LYS A 1 20 ? 8.522   -3.030 12.139  1.00 55.71  ? 20  LYS A CA  1 
ATOM   35  C C   . LYS A 1 20 ? 7.770   -3.524 10.890  1.00 43.87  ? 20  LYS A C   1 
ATOM   36  O O   . LYS A 1 20 ? 7.930   -2.973 9.814   1.00 43.89  ? 20  LYS A O   1 
ATOM   37  C CB  . LYS A 1 20 ? 9.819   -3.832 12.356  1.00 63.68  ? 20  LYS A CB  1 
ATOM   38  C CG  . LYS A 1 20 ? 11.085  -3.000 12.109  1.00 85.51  ? 20  LYS A CG  1 
ATOM   39  C CD  . LYS A 1 20 ? 11.181  -1.711 12.983  1.00 98.39  ? 20  LYS A CD  1 
ATOM   40  C CE  . LYS A 1 20 ? 12.485  -1.590 13.801  1.00 101.54 ? 20  LYS A CE  1 
ATOM   41  N NZ  . LYS A 1 20 ? 13.742  -1.944 13.057  1.00 99.70  ? 20  LYS A NZ  1 
ATOM   42  N N   . GLN A 1 21 ? 6.933   -4.526 11.054  1.00 40.05  ? 21  GLN A N   1 
ATOM   43  C CA  . GLN A 1 21 ? 6.087   -4.993 9.966   1.00 47.89  ? 21  GLN A CA  1 
ATOM   44  C C   . GLN A 1 21 ? 5.191   -3.928 9.355   1.00 41.18  ? 21  GLN A C   1 
ATOM   45  O O   . GLN A 1 21 ? 5.016   -3.947 8.147   1.00 39.42  ? 21  GLN A O   1 
ATOM   46  C CB  . GLN A 1 21 ? 5.264   -6.199 10.380  1.00 57.23  ? 21  GLN A CB  1 
ATOM   47  C CG  . GLN A 1 21 ? 6.078   -7.478 10.224  1.00 77.82  ? 21  GLN A CG  1 
ATOM   48  C CD  . GLN A 1 21 ? 5.715   -8.594 11.194  1.00 101.58 ? 21  GLN A CD  1 
ATOM   49  O OE1 . GLN A 1 21 ? 4.702   -8.537 11.906  1.00 116.27 ? 21  GLN A OE1 1 
ATOM   50  N NE2 . GLN A 1 21 ? 6.562   -9.631 11.224  1.00 117.10 ? 21  GLN A NE2 1 
ATOM   51  N N   . VAL A 1 22 ? 4.657   -3.020 10.179  1.00 37.35  ? 22  VAL A N   1 
ATOM   52  C CA  . VAL A 1 22 ? 3.917   -1.829 9.687   1.00 40.45  ? 22  VAL A CA  1 
ATOM   53  C C   . VAL A 1 22 ? 4.800   -0.917 8.833   1.00 33.92  ? 22  VAL A C   1 
ATOM   54  O O   . VAL A 1 22 ? 4.431   -0.549 7.747   1.00 31.95  ? 22  VAL A O   1 
ATOM   55  C CB  . VAL A 1 22 ? 3.322   -0.995 10.816  1.00 38.94  ? 22  VAL A CB  1 
ATOM   56  C CG1 . VAL A 1 22 ? 2.834   0.334  10.290  1.00 39.31  ? 22  VAL A CG1 1 
ATOM   57  C CG2 . VAL A 1 22 ? 2.163   -1.753 11.474  1.00 45.03  ? 22  VAL A CG2 1 
ATOM   58  N N   . ILE A 1 23 ? 5.965   -0.589 9.334   1.00 31.21  ? 23  ILE A N   1 
ATOM   59  C CA  . ILE A 1 23 ? 6.850   0.284  8.614   1.00 33.64  ? 23  ILE A CA  1 
ATOM   60  C C   . ILE A 1 23 ? 7.251   -0.350 7.276   1.00 33.77  ? 23  ILE A C   1 
ATOM   61  O O   . ILE A 1 23 ? 7.260   0.318  6.203   1.00 29.54  ? 23  ILE A O   1 
ATOM   62  C CB  . ILE A 1 23 ? 8.065   0.697  9.502   1.00 33.84  ? 23  ILE A CB  1 
ATOM   63  C CG1 . ILE A 1 23 ? 7.607   1.686  10.595  1.00 34.05  ? 23  ILE A CG1 1 
ATOM   64  C CG2 . ILE A 1 23 ? 9.119   1.444  8.687   1.00 33.31  ? 23  ILE A CG2 1 
ATOM   65  C CD1 . ILE A 1 23 ? 7.596   1.160  11.997  1.00 36.02  ? 23  ILE A CD1 1 
ATOM   66  N N   . ASN A 1 24 ? 7.565   -1.640 7.345   1.00 33.49  ? 24  ASN A N   1 
ATOM   67  C CA  . ASN A 1 24 ? 7.978   -2.381 6.164   1.00 39.17  ? 24  ASN A CA  1 
ATOM   68  C C   . ASN A 1 24 ? 6.885   -2.497 5.103   1.00 35.60  ? 24  ASN A C   1 
ATOM   69  O O   . ASN A 1 24 ? 7.192   -2.318 3.926   1.00 33.33  ? 24  ASN A O   1 
ATOM   70  C CB  . ASN A 1 24 ? 8.492   -3.783 6.542   1.00 39.75  ? 24  ASN A CB  1 
ATOM   71  C CG  . ASN A 1 24 ? 9.819   -3.717 7.301   1.00 47.43  ? 24  ASN A CG  1 
ATOM   72  O OD1 . ASN A 1 24 ? 10.467  -2.635 7.429   1.00 49.95  ? 24  ASN A OD1 1 
ATOM   73  N ND2 . ASN A 1 24 ? 10.241  -4.866 7.815   1.00 56.20  ? 24  ASN A ND2 1 
ATOM   74  N N   . ARG A 1 25 ? 5.651   -2.775 5.531   1.00 31.55  ? 25  ARG A N   1 
ATOM   75  C CA  . ARG A 1 25 ? 4.514   -2.794 4.608   1.00 36.30  ? 25  ARG A CA  1 
ATOM   76  C C   . ARG A 1 25 ? 4.397   -1.436 3.887   1.00 33.54  ? 25  ARG A C   1 
ATOM   77  O O   . ARG A 1 25 ? 4.283   -1.385 2.655   1.00 31.61  ? 25  ARG A O   1 
ATOM   78  C CB  . ARG A 1 25 ? 3.219   -3.165 5.305   1.00 38.20  ? 25  ARG A CB  1 
ATOM   79  C CG  . ARG A 1 25 ? 2.492   -4.296 4.568   1.00 43.55  ? 25  ARG A CG  1 
ATOM   80  C CD  . ARG A 1 25 ? 1.881   -4.102 3.129   1.00 42.91  ? 25  ARG A CD  1 
ATOM   81  N NE  . ARG A 1 25 ? 0.537   -4.739 3.277   1.00 51.29  ? 25  ARG A NE  1 
ATOM   82  C CZ  . ARG A 1 25 ? -0.102  -5.636 2.491   1.00 50.91  ? 25  ARG A CZ  1 
ATOM   83  N NH1 . ARG A 1 25 ? 0.314   -6.007 1.291   1.00 51.43  ? 25  ARG A NH1 1 
ATOM   84  N NH2 . ARG A 1 25 ? -1.275  -6.125 2.905   1.00 57.32  ? 25  ARG A NH2 1 
ATOM   85  N N   . LEU A 1 26 ? 4.512   -0.356 4.662   1.00 29.50  ? 26  LEU A N   1 
ATOM   86  C CA  . LEU A 1 26 ? 4.441   0.953  4.093   1.00 30.57  ? 26  LEU A CA  1 
ATOM   87  C C   . LEU A 1 26 ? 5.561   1.164  3.104   1.00 28.98  ? 26  LEU A C   1 
ATOM   88  O O   . LEU A 1 26 ? 5.341   1.765  2.046   1.00 25.17  ? 26  LEU A O   1 
ATOM   89  C CB  . LEU A 1 26 ? 4.419   2.050  5.180   1.00 27.89  ? 26  LEU A CB  1 
ATOM   90  C CG  . LEU A 1 26 ? 3.071   2.193  5.903   1.00 27.57  ? 26  LEU A CG  1 
ATOM   91  C CD1 . LEU A 1 26 ? 3.249   3.058  7.157   1.00 27.33  ? 26  LEU A CD1 1 
ATOM   92  C CD2 . LEU A 1 26 ? 1.911   2.722  5.039   1.00 26.37  ? 26  LEU A CD2 1 
ATOM   93  N N   . ALA A 1 27 ? 6.760   0.658  3.419   1.00 31.53  ? 27  ALA A N   1 
ATOM   94  C CA  . ALA A 1 27 ? 7.888   0.681  2.441   1.00 30.20  ? 27  ALA A CA  1 
ATOM   95  C C   . ALA A 1 27 ? 7.669   -0.106 1.144   1.00 28.51  ? 27  ALA A C   1 
ATOM   96  O O   . ALA A 1 27 ? 8.015   0.372  0.057   1.00 28.90  ? 27  ALA A O   1 
ATOM   97  C CB  . ALA A 1 27 ? 9.193   0.276  3.070   1.00 30.96  ? 27  ALA A CB  1 
ATOM   98  N N   . ARG A 1 28 ? 7.034   -1.252 1.270   1.00 28.99  ? 28  ARG A N   1 
ATOM   99  C CA  . ARG A 1 28 ? 6.614   -2.071 0.127   1.00 33.22  ? 28  ARG A CA  1 
ATOM   100 C C   . ARG A 1 28 ? 5.553   -1.402 -0.766  1.00 28.48  ? 28  ARG A C   1 
ATOM   101 O O   . ARG A 1 28 ? 5.662   -1.427 -1.997  1.00 27.85  ? 28  ARG A O   1 
ATOM   102 C CB  . ARG A 1 28 ? 6.094   -3.441 0.615   1.00 36.07  ? 28  ARG A CB  1 
ATOM   103 C CG  . ARG A 1 28 ? 7.236   -4.460 0.681   1.00 46.99  ? 28  ARG A CG  1 
ATOM   104 C CD  . ARG A 1 28 ? 6.976   -5.824 1.335   1.00 54.12  ? 28  ARG A CD  1 
ATOM   105 N NE  . ARG A 1 28 ? 5.590   -6.262 1.620   1.00 64.85  ? 28  ARG A NE  1 
ATOM   106 C CZ  . ARG A 1 28 ? 5.069   -6.510 2.856   1.00 75.76  ? 28  ARG A CZ  1 
ATOM   107 N NH1 . ARG A 1 28 ? 5.766   -6.322 4.008   1.00 67.39  ? 28  ARG A NH1 1 
ATOM   108 N NH2 . ARG A 1 28 ? 3.797   -6.960 2.961   1.00 82.93  ? 28  ARG A NH2 1 
ATOM   109 N N   . ILE A 1 29 ? 4.546   -0.825 -0.116  1.00 24.76  ? 29  ILE A N   1 
ATOM   110 C CA  . ILE A 1 29 ? 3.506   -0.105 -0.803  1.00 24.50  ? 29  ILE A CA  1 
ATOM   111 C C   . ILE A 1 29 ? 4.139   1.060  -1.520  1.00 24.78  ? 29  ILE A C   1 
ATOM   112 O O   . ILE A 1 29 ? 3.804   1.348  -2.655  1.00 25.23  ? 29  ILE A O   1 
ATOM   113 C CB  . ILE A 1 29 ? 2.400   0.381  0.144   1.00 24.69  ? 29  ILE A CB  1 
ATOM   114 C CG1 . ILE A 1 29 ? 1.623   -0.774 0.737   1.00 24.98  ? 29  ILE A CG1 1 
ATOM   115 C CG2 . ILE A 1 29 ? 1.412   1.253  -0.639  1.00 26.62  ? 29  ILE A CG2 1 
ATOM   116 C CD1 . ILE A 1 29 ? 0.896   -0.406 1.964   1.00 24.16  ? 29  ILE A CD1 1 
ATOM   117 N N   . GLU A 1 30 ? 5.115   1.703  -0.884  1.00 26.58  ? 30  GLU A N   1 
ATOM   118 C CA  . GLU A 1 30 ? 5.879   2.761  -1.577  1.00 24.67  ? 30  GLU A CA  1 
ATOM   119 C C   . GLU A 1 30 ? 6.520   2.301  -2.906  1.00 24.93  ? 30  GLU A C   1 
ATOM   120 O O   . GLU A 1 30 ? 6.278   2.927  -3.941  1.00 20.41  ? 30  GLU A O   1 
ATOM   121 C CB  . GLU A 1 30 ? 6.907   3.367  -0.629  1.00 27.48  ? 30  GLU A CB  1 
ATOM   122 C CG  . GLU A 1 30 ? 7.565   4.612  -1.199  1.00 31.07  ? 30  GLU A CG  1 
ATOM   123 C CD  . GLU A 1 30 ? 8.828   5.009  -0.504  1.00 32.88  ? 30  GLU A CD  1 
ATOM   124 O OE1 . GLU A 1 30 ? 8.974   4.678  0.700   1.00 29.13  ? 30  GLU A OE1 1 
ATOM   125 O OE2 . GLU A 1 30 ? 9.615   5.714  -1.174  1.00 30.95  ? 30  GLU A OE2 1 
ATOM   126 N N   . GLY A 1 31 ? 7.297   1.201  -2.871  1.00 24.48  ? 31  GLY A N   1 
ATOM   127 C CA  . GLY A 1 31 ? 7.943   0.637  -4.071  1.00 24.18  ? 31  GLY A CA  1 
ATOM   128 C C   . GLY A 1 31 ? 6.922   0.204  -5.121  1.00 25.33  ? 31  GLY A C   1 
ATOM   129 O O   . GLY A 1 31 ? 7.139   0.231  -6.327  1.00 26.54  ? 31  GLY A O   1 
ATOM   130 N N   . HIS A 1 32 ? 5.771   -0.197 -4.645  1.00 26.87  ? 32  HIS A N   1 
ATOM   131 C CA  . HIS A 1 32 ? 4.693   -0.696 -5.506  1.00 23.93  ? 32  HIS A CA  1 
ATOM   132 C C   . HIS A 1 32 ? 4.127   0.491  -6.289  1.00 23.11  ? 32  HIS A C   1 
ATOM   133 O O   . HIS A 1 32 ? 4.009   0.442  -7.507  1.00 21.87  ? 32  HIS A O   1 
ATOM   134 C CB  . HIS A 1 32 ? 3.703   -1.441 -4.616  1.00 24.31  ? 32  HIS A CB  1 
ATOM   135 C CG  . HIS A 1 32 ? 2.734   -2.314 -5.342  1.00 23.75  ? 32  HIS A CG  1 
ATOM   136 N ND1 . HIS A 1 32 ? 2.570   -2.308 -6.715  1.00 25.81  ? 32  HIS A ND1 1 
ATOM   137 C CD2 . HIS A 1 32 ? 1.814   -3.148 -4.866  1.00 20.99  ? 32  HIS A CD2 1 
ATOM   138 C CE1 . HIS A 1 32 ? 1.585   -3.106 -7.043  1.00 22.48  ? 32  HIS A CE1 1 
ATOM   139 N NE2 . HIS A 1 32 ? 1.123   -3.642 -5.936  1.00 24.61  ? 32  HIS A NE2 1 
ATOM   140 N N   . VAL A 1 33 ? 3.844   1.576  -5.618  1.00 25.53  ? 33  VAL A N   1 
ATOM   141 C CA  . VAL A 1 33 ? 3.367   2.799  -6.320  1.00 26.59  ? 33  VAL A CA  1 
ATOM   142 C C   . VAL A 1 33 ? 4.406   3.332  -7.315  1.00 26.40  ? 33  VAL A C   1 
ATOM   143 O O   . VAL A 1 33 ? 4.031   3.726  -8.469  1.00 23.75  ? 33  VAL A O   1 
ATOM   144 C CB  . VAL A 1 33 ? 2.873   3.946  -5.365  1.00 25.17  ? 33  VAL A CB  1 
ATOM   145 C CG1 . VAL A 1 33 ? 2.321   5.100  -6.204  1.00 26.61  ? 33  VAL A CG1 1 
ATOM   146 C CG2 . VAL A 1 33 ? 1.769   3.509  -4.423  1.00 22.60  ? 33  VAL A CG2 1 
ATOM   147 N N   . ARG A 1 34 ? 5.693   3.277  -6.899  1.00 26.76  ? 34  ARG A N   1 
ATOM   148 C CA  . ARG A 1 34 ? 6.792   3.620  -7.778  1.00 29.31  ? 34  ARG A CA  1 
ATOM   149 C C   . ARG A 1 34 ? 6.747   2.815  -9.052  1.00 30.22  ? 34  ARG A C   1 
ATOM   150 O O   . ARG A 1 34 ? 7.005   3.338  -10.140 1.00 30.49  ? 34  ARG A O   1 
ATOM   151 C CB  . ARG A 1 34 ? 8.134   3.402  -7.099  1.00 34.24  ? 34  ARG A CB  1 
ATOM   152 C CG  . ARG A 1 34 ? 9.324   3.699  -8.026  1.00 40.12  ? 34  ARG A CG  1 
ATOM   153 C CD  . ARG A 1 34 ? 10.661  4.011  -7.311  1.00 45.84  ? 34  ARG A CD  1 
ATOM   154 N NE  . ARG A 1 34 ? 10.944  3.121  -6.164  1.00 50.11  ? 34  ARG A NE  1 
ATOM   155 C CZ  . ARG A 1 34 ? 10.787  3.402  -4.839  1.00 59.91  ? 34  ARG A CZ  1 
ATOM   156 N NH1 . ARG A 1 34 ? 11.094  2.452  -3.929  1.00 61.10  ? 34  ARG A NH1 1 
ATOM   157 N NH2 . ARG A 1 34 ? 10.340  4.607  -4.376  1.00 58.77  ? 34  ARG A NH2 1 
ATOM   158 N N   . ALA A 1 35 ? 6.400   1.535  -8.929  1.00 28.03  ? 35  ALA A N   1 
ATOM   159 C CA  . ALA A 1 35 ? 6.363   0.650  -10.091 1.00 27.04  ? 35  ALA A CA  1 
ATOM   160 C C   . ALA A 1 35 ? 5.222   0.959  -10.982 1.00 28.18  ? 35  ALA A C   1 
ATOM   161 O O   . ALA A 1 35 ? 5.378   0.973  -12.210 1.00 28.04  ? 35  ALA A O   1 
ATOM   162 C CB  . ALA A 1 35 ? 6.299   -0.810 -9.644  1.00 24.23  ? 35  ALA A CB  1 
ATOM   163 N N   . ILE A 1 36 ? 4.087   1.259  -10.352 1.00 28.37  ? 36  ILE A N   1 
ATOM   164 C CA  . ILE A 1 36 ? 2.868   1.653  -11.055 1.00 27.09  ? 36  ILE A CA  1 
ATOM   165 C C   . ILE A 1 36 ? 3.086   2.936  -11.831 1.00 27.53  ? 36  ILE A C   1 
ATOM   166 O O   . ILE A 1 36 ? 2.673   3.050  -12.981 1.00 27.65  ? 36  ILE A O   1 
ATOM   167 C CB  . ILE A 1 36 ? 1.629   1.785  -10.122 1.00 27.20  ? 36  ILE A CB  1 
ATOM   168 C CG1 . ILE A 1 36 ? 1.294   0.450  -9.397  1.00 27.35  ? 36  ILE A CG1 1 
ATOM   169 C CG2 . ILE A 1 36 ? 0.414   2.263  -10.940 1.00 28.88  ? 36  ILE A CG2 1 
ATOM   170 C CD1 . ILE A 1 36 ? 0.180   0.557  -8.384  1.00 26.70  ? 36  ILE A CD1 1 
ATOM   171 N N   . LYS A 1 37 ? 3.746   3.882  -11.183 1.00 30.54  ? 37  LYS A N   1 
ATOM   172 C CA  . LYS A 1 37 ? 4.224   5.102  -11.866 1.00 31.16  ? 37  LYS A CA  1 
ATOM   173 C C   . LYS A 1 37 ? 5.082   4.777  -13.144 1.00 31.22  ? 37  LYS A C   1 
ATOM   174 O O   . LYS A 1 37 ? 4.910   5.398  -14.212 1.00 25.47  ? 37  LYS A O   1 
ATOM   175 C CB  . LYS A 1 37 ? 5.012   5.949  -10.859 1.00 31.57  ? 37  LYS A CB  1 
ATOM   176 C CG  . LYS A 1 37 ? 5.599   7.237  -11.435 1.00 31.79  ? 37  LYS A CG  1 
ATOM   177 C CD  . LYS A 1 37 ? 6.601   7.848  -10.507 1.00 30.23  ? 37  LYS A CD  1 
ATOM   178 C CE  . LYS A 1 37 ? 7.862   7.013  -10.566 1.00 32.17  ? 37  LYS A CE  1 
ATOM   179 N NZ  . LYS A 1 37 ? 8.834   7.556  -9.570  1.00 34.95  ? 37  LYS A NZ  1 
ATOM   180 N N   . GLU A 1 38 ? 5.958   3.782  -13.015 1.00 29.97  ? 38  GLU A N   1 
ATOM   181 C CA  . GLU A 1 38 ? 6.810   3.407  -14.090 1.00 29.80  ? 38  GLU A CA  1 
ATOM   182 C C   . GLU A 1 38 ? 6.030   2.647  -15.108 1.00 29.55  ? 38  GLU A C   1 
ATOM   183 O O   . GLU A 1 38 ? 6.302   2.793  -16.263 1.00 32.66  ? 38  GLU A O   1 
ATOM   184 C CB  . GLU A 1 38 ? 8.021   2.630  -13.609 1.00 33.80  ? 38  GLU A CB  1 
ATOM   185 C CG  . GLU A 1 38 ? 9.016   3.461  -12.815 1.00 35.88  ? 38  GLU A CG  1 
ATOM   186 C CD  . GLU A 1 38 ? 10.011  2.619  -11.972 1.00 47.35  ? 38  GLU A CD  1 
ATOM   187 O OE1 . GLU A 1 38 ? 10.875  3.252  -11.296 1.00 53.11  ? 38  GLU A OE1 1 
ATOM   188 O OE2 . GLU A 1 38 ? 9.950   1.336  -11.954 1.00 55.80  ? 38  GLU A OE2 1 
ATOM   189 N N   . MET A 1 39 ? 5.049   1.864  -14.717 1.00 26.94  ? 39  MET A N   1 
ATOM   190 C CA  . MET A 1 39 ? 4.180   1.249  -15.696 1.00 28.24  ? 39  MET A CA  1 
ATOM   191 C C   . MET A 1 39 ? 3.488   2.266  -16.571 1.00 31.79  ? 39  MET A C   1 
ATOM   192 O O   . MET A 1 39 ? 3.384   2.096  -17.770 1.00 34.04  ? 39  MET A O   1 
ATOM   193 C CB  . MET A 1 39 ? 3.086   0.402  -15.005 1.00 28.79  ? 39  MET A CB  1 
ATOM   194 C CG  . MET A 1 39 ? 3.592   -0.892 -14.347 1.00 26.56  ? 39  MET A CG  1 
ATOM   195 S SD  . MET A 1 39 ? 2.317   -1.750 -13.379 1.00 29.63  ? 39  MET A SD  1 
ATOM   196 C CE  . MET A 1 39 ? 1.378   -2.449 -14.713 1.00 30.48  ? 39  MET A CE  1 
ATOM   197 N N   . ALA A 1 40 ? 2.941   3.299  -15.953 1.00 35.13  ? 40  ALA A N   1 
ATOM   198 C CA  . ALA A 1 40 ? 2.298   4.387  -16.671 1.00 33.11  ? 40  ALA A CA  1 
ATOM   199 C C   . ALA A 1 40 ? 3.284   5.088  -17.583 1.00 32.92  ? 40  ALA A C   1 
ATOM   200 O O   . ALA A 1 40 ? 3.037   5.275  -18.753 1.00 35.01  ? 40  ALA A O   1 
ATOM   201 C CB  . ALA A 1 40 ? 1.655   5.397  -15.695 1.00 31.89  ? 40  ALA A CB  1 
ATOM   202 N N   . ALA A 1 41 ? 4.431   5.439  -17.057 1.00 35.55  ? 41  ALA A N   1 
ATOM   203 C CA  . ALA A 1 41 ? 5.465   6.094  -17.861 1.00 34.12  ? 41  ALA A CA  1 
ATOM   204 C C   . ALA A 1 41 ? 5.908   5.286  -19.075 1.00 37.15  ? 41  ALA A C   1 
ATOM   205 O O   . ALA A 1 41 ? 6.189   5.877  -20.070 1.00 36.52  ? 41  ALA A O   1 
ATOM   206 C CB  . ALA A 1 41 ? 6.658   6.424  -17.013 1.00 35.59  ? 41  ALA A CB  1 
ATOM   207 N N   . GLU A 1 42 ? 5.937   3.957  -18.977 1.00 37.84  ? 42  GLU A N   1 
ATOM   208 C CA  . GLU A 1 42 ? 6.227   3.025  -20.085 1.00 35.86  ? 42  GLU A CA  1 
ATOM   209 C C   . GLU A 1 42 ? 5.041   2.644  -20.975 1.00 37.80  ? 42  GLU A C   1 
ATOM   210 O O   . GLU A 1 42 ? 5.217   1.879  -21.928 1.00 42.23  ? 42  GLU A O   1 
ATOM   211 C CB  . GLU A 1 42 ? 6.773   1.715  -19.552 1.00 38.88  ? 42  GLU A CB  1 
ATOM   212 C CG  . GLU A 1 42 ? 7.997   1.833  -18.690 1.00 52.13  ? 42  GLU A CG  1 
ATOM   213 C CD  . GLU A 1 42 ? 8.294   0.551  -17.905 1.00 65.33  ? 42  GLU A CD  1 
ATOM   214 O OE1 . GLU A 1 42 ? 7.744   -0.526 -18.279 1.00 76.25  ? 42  GLU A OE1 1 
ATOM   215 O OE2 . GLU A 1 42 ? 9.078   0.628  -16.907 1.00 77.42  ? 42  GLU A OE2 1 
ATOM   216 N N   . GLY A 1 43 ? 3.833   3.143  -20.706 1.00 35.70  ? 43  GLY A N   1 
ATOM   217 C CA  . GLY A 1 43 ? 2.716   2.877  -21.593 1.00 34.38  ? 43  GLY A CA  1 
ATOM   218 C C   . GLY A 1 43 ? 2.199   1.459  -21.512 1.00 32.89  ? 43  GLY A C   1 
ATOM   219 O O   . GLY A 1 43 ? 1.633   0.931  -22.448 1.00 34.39  ? 43  GLY A O   1 
ATOM   220 N N   . ARG A 1 44 ? 2.274   0.887  -20.325 1.00 32.85  ? 44  ARG A N   1 
ATOM   221 C CA  . ARG A 1 44 ? 1.658   -0.398 -20.078 1.00 29.65  ? 44  ARG A CA  1 
ATOM   222 C C   . ARG A 1 44 ? 0.130   -0.387 -20.307 1.00 30.56  ? 44  ARG A C   1 
ATOM   223 O O   . ARG A 1 44 ? -0.533  0.659  -20.282 1.00 31.97  ? 44  ARG A O   1 
ATOM   224 C CB  . ARG A 1 44 ? 1.993   -0.820 -18.666 1.00 30.86  ? 44  ARG A CB  1 
ATOM   225 C CG  . ARG A 1 44 ? 3.479   -1.103 -18.408 1.00 30.00  ? 44  ARG A CG  1 
ATOM   226 C CD  . ARG A 1 44 ? 4.013   -2.408 -19.062 1.00 29.49  ? 44  ARG A CD  1 
ATOM   227 N NE  . ARG A 1 44 ? 3.194   -3.578 -18.709 1.00 30.99  ? 44  ARG A NE  1 
ATOM   228 C CZ  . ARG A 1 44 ? 3.287   -4.295 -17.586 1.00 31.61  ? 44  ARG A CZ  1 
ATOM   229 N NH1 . ARG A 1 44 ? 4.224   -4.089 -16.669 1.00 28.42  ? 44  ARG A NH1 1 
ATOM   230 N NH2 . ARG A 1 44 ? 2.398   -5.233 -17.376 1.00 33.04  ? 44  ARG A NH2 1 
ATOM   231 N N   . ASP A 1 45 ? -0.431  -1.561 -20.513 1.00 30.50  ? 45  ASP A N   1 
ATOM   232 C CA  . ASP A 1 45 ? -1.859  -1.685 -20.771 1.00 33.70  ? 45  ASP A CA  1 
ATOM   233 C C   . ASP A 1 45 ? -2.615  -1.286 -19.546 1.00 33.36  ? 45  ASP A C   1 
ATOM   234 O O   . ASP A 1 45 ? -2.225  -1.613 -18.438 1.00 30.50  ? 45  ASP A O   1 
ATOM   235 C CB  . ASP A 1 45 ? -2.285  -3.091 -21.190 1.00 39.22  ? 45  ASP A CB  1 
ATOM   236 C CG  . ASP A 1 45 ? -1.642  -3.533 -22.526 1.00 43.72  ? 45  ASP A CG  1 
ATOM   237 O OD1 . ASP A 1 45 ? -1.243  -2.664 -23.364 1.00 49.21  ? 45  ASP A OD1 1 
ATOM   238 O OD2 . ASP A 1 45 ? -1.550  -4.764 -22.719 1.00 51.56  ? 45  ASP A OD2 1 
ATOM   239 N N   . CYS A 1 46 ? -3.705  -0.563 -19.779 1.00 30.10  ? 46  CYS A N   1 
ATOM   240 C CA  . CYS A 1 46 ? -4.489  0.007  -18.732 1.00 30.72  ? 46  CYS A CA  1 
ATOM   241 C C   . CYS A 1 46 ? -4.976  -1.015 -17.704 1.00 27.80  ? 46  CYS A C   1 
ATOM   242 O O   . CYS A 1 46 ? -4.897  -0.763 -16.528 1.00 27.44  ? 46  CYS A O   1 
ATOM   243 C CB  . CYS A 1 46 ? -5.654  0.755  -19.309 1.00 32.07  ? 46  CYS A CB  1 
ATOM   244 S SG  . CYS A 1 46 ? -6.898  1.138  -18.077 1.00 36.45  ? 46  CYS A SG  1 
ATOM   245 N N   . PRO A 1 47 ? -5.481  -2.160 -18.141 1.00 29.48  ? 47  PRO A N   1 
ATOM   246 C CA  . PRO A 1 47 ? -5.961  -3.110 -17.098 1.00 30.86  ? 47  PRO A CA  1 
ATOM   247 C C   . PRO A 1 47 ? -4.865  -3.600 -16.122 1.00 27.43  ? 47  PRO A C   1 
ATOM   248 O O   . PRO A 1 47 ? -5.147  -3.808 -14.939 1.00 24.51  ? 47  PRO A O   1 
ATOM   249 C CB  . PRO A 1 47 ? -6.549  -4.279 -17.910 1.00 30.84  ? 47  PRO A CB  1 
ATOM   250 C CG  . PRO A 1 47 ? -6.646  -3.793 -19.333 1.00 30.57  ? 47  PRO A CG  1 
ATOM   251 C CD  . PRO A 1 47 ? -5.599  -2.722 -19.493 1.00 30.21  ? 47  PRO A CD  1 
ATOM   252 N N   . ASP A 1 48 ? -3.645  -3.701 -16.615 1.00 28.99  ? 48  ASP A N   1 
ATOM   253 C CA  . ASP A 1 48 ? -2.491  -4.028 -15.785 1.00 31.73  ? 48  ASP A CA  1 
ATOM   254 C C   . ASP A 1 48 ? -2.320  -2.968 -14.705 1.00 31.75  ? 48  ASP A C   1 
ATOM   255 O O   . ASP A 1 48 ? -2.073  -3.259 -13.526 1.00 30.28  ? 48  ASP A O   1 
ATOM   256 C CB  . ASP A 1 48 ? -1.168  -4.054 -16.627 1.00 34.52  ? 48  ASP A CB  1 
ATOM   257 C CG  . ASP A 1 48 ? -1.200  -5.105 -17.762 1.00 37.64  ? 48  ASP A CG  1 
ATOM   258 O OD1 . ASP A 1 48 ? -2.273  -5.594 -18.123 1.00 44.10  ? 48  ASP A OD1 1 
ATOM   259 O OD2 . ASP A 1 48 ? -0.156  -5.449 -18.304 1.00 40.98  ? 48  ASP A OD2 1 
ATOM   260 N N   . ILE A 1 49 ? -2.394  -1.721 -15.147 1.00 29.51  ? 49  ILE A N   1 
ATOM   261 C CA  . ILE A 1 49 ? -2.224  -0.577 -14.279 1.00 27.58  ? 49  ILE A CA  1 
ATOM   262 C C   . ILE A 1 49 ? -3.329  -0.522 -13.242 1.00 25.26  ? 49  ILE A C   1 
ATOM   263 O O   . ILE A 1 49 ? -3.043  -0.397 -12.033 1.00 23.92  ? 49  ILE A O   1 
ATOM   264 C CB  . ILE A 1 49 ? -2.055  0.718  -15.070 1.00 27.22  ? 49  ILE A CB  1 
ATOM   265 C CG1 . ILE A 1 49 ? -0.724  0.669  -15.875 1.00 27.59  ? 49  ILE A CG1 1 
ATOM   266 C CG2 . ILE A 1 49 ? -2.090  1.921  -14.131 1.00 31.30  ? 49  ILE A CG2 1 
ATOM   267 C CD1 . ILE A 1 49 ? -0.384  1.932  -16.653 1.00 30.44  ? 49  ILE A CD1 1 
ATOM   268 N N   . LEU A 1 50 ? -4.567  -0.707 -13.684 1.00 23.08  ? 50  LEU A N   1 
ATOM   269 C CA  . LEU A 1 50 ? -5.692  -0.555 -12.789 1.00 23.47  ? 50  LEU A CA  1 
ATOM   270 C C   . LEU A 1 50 ? -5.769  -1.720 -11.827 1.00 24.35  ? 50  LEU A C   1 
ATOM   271 O O   . LEU A 1 50 ? -6.189  -1.546 -10.712 1.00 25.03  ? 50  LEU A O   1 
ATOM   272 C CB  . LEU A 1 50 ? -6.998  -0.493 -13.585 1.00 25.57  ? 50  LEU A CB  1 
ATOM   273 C CG  . LEU A 1 50 ? -7.217  0.779  -14.415 1.00 26.95  ? 50  LEU A CG  1 
ATOM   274 C CD1 . LEU A 1 50 ? -8.624  0.682  -14.977 1.00 27.97  ? 50  LEU A CD1 1 
ATOM   275 C CD2 . LEU A 1 50 ? -7.025  2.099  -13.684 1.00 28.32  ? 50  LEU A CD2 1 
ATOM   276 N N   . LEU A 1 51 ? -5.330  -2.891 -12.262 1.00 22.11  ? 51  LEU A N   1 
ATOM   277 C CA  . LEU A 1 51 ? -5.136  -4.009 -11.350 1.00 26.93  ? 51  LEU A CA  1 
ATOM   278 C C   . LEU A 1 51 ? -4.216  -3.706 -10.192 1.00 23.44  ? 51  LEU A C   1 
ATOM   279 O O   . LEU A 1 51 ? -4.506  -4.050 -9.067  1.00 20.89  ? 51  LEU A O   1 
ATOM   280 C CB  . LEU A 1 51 ? -4.556  -5.230 -12.106 1.00 33.00  ? 51  LEU A CB  1 
ATOM   281 C CG  . LEU A 1 51 ? -4.720  -6.572 -11.419 1.00 42.68  ? 51  LEU A CG  1 
ATOM   282 C CD1 . LEU A 1 51 ? -6.145  -7.071 -11.686 1.00 45.23  ? 51  LEU A CD1 1 
ATOM   283 C CD2 . LEU A 1 51 ? -3.663  -7.578 -11.867 1.00 48.98  ? 51  LEU A CD2 1 
ATOM   284 N N   . GLN A 1 52 ? -3.113  -3.028 -10.486 1.00 25.24  ? 52  GLN A N   1 
ATOM   285 C CA  . GLN A 1 52 ? -2.106  -2.737 -9.472  1.00 23.91  ? 52  GLN A CA  1 
ATOM   286 C C   . GLN A 1 52 ? -2.561  -1.621 -8.587  1.00 22.37  ? 52  GLN A C   1 
ATOM   287 O O   . GLN A 1 52 ? -2.341  -1.714 -7.378  1.00 23.75  ? 52  GLN A O   1 
ATOM   288 C CB  . GLN A 1 52 ? -0.748  -2.446 -10.108 1.00 23.36  ? 52  GLN A CB  1 
ATOM   289 C CG  . GLN A 1 52 ? -0.188  -3.626 -10.888 1.00 24.19  ? 52  GLN A CG  1 
ATOM   290 C CD  . GLN A 1 52 ? -0.100  -4.927 -10.105 1.00 24.42  ? 52  GLN A CD  1 
ATOM   291 O OE1 . GLN A 1 52 ? -0.051  -4.954 -8.876  1.00 23.35  ? 52  GLN A OE1 1 
ATOM   292 N NE2 . GLN A 1 52 ? -0.181  -6.019 -10.824 1.00 25.40  ? 52  GLN A NE2 1 
ATOM   293 N N   . ILE A 1 53 ? -3.319  -0.661 -9.124  1.00 20.89  ? 53  ILE A N   1 
ATOM   294 C CA  . ILE A 1 53 ? -3.858  0.357  -8.258  1.00 20.38  ? 53  ILE A CA  1 
ATOM   295 C C   . ILE A 1 53 ? -4.792  -0.243 -7.219  1.00 20.48  ? 53  ILE A C   1 
ATOM   296 O O   . ILE A 1 53 ? -4.821  0.168  -6.039  1.00 18.38  ? 53  ILE A O   1 
ATOM   297 C CB  . ILE A 1 53 ? -4.551  1.476  -9.039  1.00 22.52  ? 53  ILE A CB  1 
ATOM   298 C CG1 . ILE A 1 53 ? -3.492  2.291  -9.828  1.00 24.43  ? 53  ILE A CG1 1 
ATOM   299 C CG2 . ILE A 1 53 ? -5.254  2.461  -8.095  1.00 23.54  ? 53  ILE A CG2 1 
ATOM   300 C CD1 . ILE A 1 53 ? -4.026  3.362  -10.771 1.00 22.59  ? 53  ILE A CD1 1 
ATOM   301 N N   . ALA A 1 54 ? -5.648  -1.134 -7.682  1.00 20.71  ? 54  ALA A N   1 
ATOM   302 C CA  . ALA A 1 54 ? -6.569  -1.771 -6.777  1.00 20.64  ? 54  ALA A CA  1 
ATOM   303 C C   . ALA A 1 54 ? -5.817  -2.590 -5.732  1.00 22.43  ? 54  ALA A C   1 
ATOM   304 O O   . ALA A 1 54 ? -6.191  -2.589 -4.562  1.00 25.26  ? 54  ALA A O   1 
ATOM   305 C CB  . ALA A 1 54 ? -7.513  -2.628 -7.520  1.00 20.46  ? 54  ALA A CB  1 
ATOM   306 N N   . ALA A 1 55 ? -4.785  -3.299 -6.136  1.00 23.21  ? 55  ALA A N   1 
ATOM   307 C CA  . ALA A 1 55 ? -3.955  -4.018 -5.163  1.00 23.82  ? 55  ALA A CA  1 
ATOM   308 C C   . ALA A 1 55 ? -3.336  -3.094 -4.099  1.00 23.28  ? 55  ALA A C   1 
ATOM   309 O O   . ALA A 1 55 ? -3.388  -3.380 -2.934  1.00 24.63  ? 55  ALA A O   1 
ATOM   310 C CB  . ALA A 1 55 ? -2.893  -4.767 -5.892  1.00 23.01  ? 55  ALA A CB  1 
ATOM   311 N N   . VAL A 1 56 ? -2.827  -1.943 -4.498  1.00 24.68  ? 56  VAL A N   1 
ATOM   312 C CA  . VAL A 1 56 ? -2.317  -0.982 -3.548  1.00 23.17  ? 56  VAL A CA  1 
ATOM   313 C C   . VAL A 1 56 ? -3.391  -0.446 -2.587  1.00 21.96  ? 56  VAL A C   1 
ATOM   314 O O   . VAL A 1 56 ? -3.136  -0.305 -1.397  1.00 20.01  ? 56  VAL A O   1 
ATOM   315 C CB  . VAL A 1 56 ? -1.602  0.189  -4.276  1.00 23.30  ? 56  VAL A CB  1 
ATOM   316 C CG1 . VAL A 1 56 ? -1.210  1.276  -3.277  1.00 24.76  ? 56  VAL A CG1 1 
ATOM   317 C CG2 . VAL A 1 56 ? -0.346  -0.290 -5.001  1.00 23.41  ? 56  VAL A CG2 1 
ATOM   318 N N   . ARG A 1 57 ? -4.589  -0.113 -3.093  1.00 23.86  ? 57  ARG A N   1 
ATOM   319 C CA  . ARG A 1 57 ? -5.719  0.298  -2.220  1.00 22.75  ? 57  ARG A CA  1 
ATOM   320 C C   . ARG A 1 57 ? -6.061  -0.754 -1.158  1.00 23.77  ? 57  ARG A C   1 
ATOM   321 O O   . ARG A 1 57 ? -6.352  -0.445 -0.010  1.00 24.62  ? 57  ARG A O   1 
ATOM   322 C CB  . ARG A 1 57 ? -6.932  0.720  -3.052  1.00 22.94  ? 57  ARG A CB  1 
ATOM   323 C CG  . ARG A 1 57 ? -6.652  1.987  -3.913  1.00 22.98  ? 57  ARG A CG  1 
ATOM   324 C CD  . ARG A 1 57 ? -7.919  2.571  -4.585  1.00 25.20  ? 57  ARG A CD  1 
ATOM   325 N NE  . ARG A 1 57 ? -8.861  3.177  -3.605  1.00 27.15  ? 57  ARG A NE  1 
ATOM   326 C CZ  . ARG A 1 57 ? -10.005 2.640  -3.187  1.00 25.95  ? 57  ARG A CZ  1 
ATOM   327 N NH1 . ARG A 1 57 ? -10.399 1.495  -3.624  1.00 26.34  ? 57  ARG A NH1 1 
ATOM   328 N NH2 . ARG A 1 57 ? -10.773 3.266  -2.299  1.00 32.09  ? 57  ARG A NH2 1 
ATOM   329 N N   . LYS A 1 58 ? -6.002  -2.010 -1.565  1.00 23.83  ? 58  LYS A N   1 
ATOM   330 C CA  . LYS A 1 58 ? -6.235  -3.113 -0.653  1.00 25.14  ? 58  LYS A CA  1 
ATOM   331 C C   . LYS A 1 58 ? -5.124  -3.266 0.392   1.00 25.15  ? 58  LYS A C   1 
ATOM   332 O O   . LYS A 1 58 ? -5.446  -3.435 1.555   1.00 26.87  ? 58  LYS A O   1 
ATOM   333 C CB  . LYS A 1 58 ? -6.423  -4.359 -1.482  1.00 29.05  ? 58  LYS A CB  1 
ATOM   334 C CG  . LYS A 1 58 ? -6.810  -5.558 -0.684  1.00 40.52  ? 58  LYS A CG  1 
ATOM   335 C CD  . LYS A 1 58 ? -7.000  -6.758 -1.614  1.00 52.10  ? 58  LYS A CD  1 
ATOM   336 C CE  . LYS A 1 58 ? -7.780  -7.887 -0.912  1.00 62.49  ? 58  LYS A CE  1 
ATOM   337 N NZ  . LYS A 1 58 ? -7.031  -9.178 -1.033  1.00 69.24  ? 58  LYS A NZ  1 
ATOM   338 N N   . ALA A 1 59 ? -3.854  -3.131 -0.001  1.00 20.61  ? 59  ALA A N   1 
ATOM   339 C CA  . ALA A 1 59 ? -2.719  -3.206 0.893   1.00 22.46  ? 59  ALA A CA  1 
ATOM   340 C C   . ALA A 1 59 ? -2.763  -2.096 1.910   1.00 23.28  ? 59  ALA A C   1 
ATOM   341 O O   . ALA A 1 59 ? -2.473  -2.310 3.110   1.00 22.79  ? 59  ALA A O   1 
ATOM   342 C CB  . ALA A 1 59 ? -1.424  -3.119 0.101   1.00 24.93  ? 59  ALA A CB  1 
ATOM   343 N N   . LEU A 1 60 ? -3.141  -0.909 1.444   1.00 23.16  ? 60  LEU A N   1 
ATOM   344 C CA  . LEU A 1 60 ? -3.281  0.252  2.332   1.00 22.69  ? 60  LEU A CA  1 
ATOM   345 C C   . LEU A 1 60 ? -4.430  0.067  3.363   1.00 21.68  ? 60  LEU A C   1 
ATOM   346 O O   . LEU A 1 60 ? -4.298  0.375  4.538   1.00 21.34  ? 60  LEU A O   1 
ATOM   347 C CB  . LEU A 1 60 ? -3.482  1.557  1.525   1.00 23.13  ? 60  LEU A CB  1 
ATOM   348 C CG  . LEU A 1 60 ? -2.229  2.205  0.876   1.00 24.08  ? 60  LEU A CG  1 
ATOM   349 C CD1 . LEU A 1 60 ? -2.619  3.171  -0.231  1.00 24.87  ? 60  LEU A CD1 1 
ATOM   350 C CD2 . LEU A 1 60 ? -1.293  2.945  1.848   1.00 24.44  ? 60  LEU A CD2 1 
ATOM   351 N N   . ASP A 1 61 ? -5.552  -0.406 2.897   1.00 24.81  ? 61  ASP A N   1 
ATOM   352 C CA  . ASP A 1 61 ? -6.654  -0.796 3.742   1.00 26.64  ? 61  ASP A CA  1 
ATOM   353 C C   . ASP A 1 61 ? -6.223  -1.829 4.791   1.00 25.67  ? 61  ASP A C   1 
ATOM   354 O O   . ASP A 1 61 ? -6.481  -1.640 5.944   1.00 30.21  ? 61  ASP A O   1 
ATOM   355 C CB  . ASP A 1 61 ? -7.803  -1.297 2.891   1.00 28.50  ? 61  ASP A CB  1 
ATOM   356 C CG  . ASP A 1 61 ? -9.019  -1.688 3.734   1.00 36.35  ? 61  ASP A CG  1 
ATOM   357 O OD1 . ASP A 1 61 ? -9.641  -0.828 4.317   1.00 34.78  ? 61  ASP A OD1 1 
ATOM   358 O OD2 . ASP A 1 61 ? -9.325  -2.876 3.879   1.00 44.52  ? 61  ASP A OD2 1 
ATOM   359 N N   . SER A 1 62 ? -5.472  -2.853 4.436   1.00 25.64  ? 62  SER A N   1 
ATOM   360 C CA  . SER A 1 62 ? -5.013  -3.810 5.442   1.00 28.27  ? 62  SER A CA  1 
ATOM   361 C C   . SER A 1 62 ? -4.055  -3.266 6.452   1.00 26.77  ? 62  SER A C   1 
ATOM   362 O O   . SER A 1 62 ? -4.110  -3.599 7.630   1.00 28.70  ? 62  SER A O   1 
ATOM   363 C CB  . SER A 1 62 ? -4.354  -4.990 4.772   1.00 28.18  ? 62  SER A CB  1 
ATOM   364 O OG  . SER A 1 62 ? -5.398  -5.582 4.052   1.00 36.14  ? 62  SER A OG  1 
ATOM   365 N N   . THR A 1 63 ? -3.140  -2.471 5.966   1.00 26.51  ? 63  THR A N   1 
ATOM   366 C CA  . THR A 1 63 ? -2.237  -1.773 6.814   1.00 26.09  ? 63  THR A CA  1 
ATOM   367 C C   . THR A 1 63 ? -2.931  -0.847 7.825   1.00 24.17  ? 63  THR A C   1 
ATOM   368 O O   . THR A 1 63 ? -2.521  -0.830 8.939   1.00 24.35  ? 63  THR A O   1 
ATOM   369 C CB  . THR A 1 63 ? -1.199  -1.003 5.956   1.00 25.99  ? 63  THR A CB  1 
ATOM   370 O OG1 . THR A 1 63 ? -0.576  -1.947 5.104   1.00 25.65  ? 63  THR A OG1 1 
ATOM   371 C CG2 . THR A 1 63 ? -0.172  -0.348 6.828   1.00 25.29  ? 63  THR A CG2 1 
ATOM   372 N N   . ALA A 1 64 ? -3.921  -0.065 7.427   1.00 23.47  ? 64  ALA A N   1 
ATOM   373 C CA  . ALA A 1 64 ? -4.707  0.740  8.360   1.00 26.18  ? 64  ALA A CA  1 
ATOM   374 C C   . ALA A 1 64 ? -5.425  -0.088 9.473   1.00 27.52  ? 64  ALA A C   1 
ATOM   375 O O   . ALA A 1 64 ? -5.437  0.285  10.669  1.00 29.57  ? 64  ALA A O   1 
ATOM   376 C CB  . ALA A 1 64 ? -5.764  1.523  7.581   1.00 25.49  ? 64  ALA A CB  1 
ATOM   377 N N   . LYS A 1 65 ? -5.997  -1.217 9.043   1.00 27.74  ? 65  LYS A N   1 
ATOM   378 C CA  . LYS A 1 65 ? -6.581  -2.207 9.956   1.00 29.04  ? 65  LYS A CA  1 
ATOM   379 C C   . LYS A 1 65 ? -5.574  -2.761 10.970  1.00 24.91  ? 65  LYS A C   1 
ATOM   380 O O   . LYS A 1 65 ? -5.863  -2.820 12.123  1.00 29.91  ? 65  LYS A O   1 
ATOM   381 C CB  . LYS A 1 65 ? -7.184  -3.329 9.179   1.00 29.52  ? 65  LYS A CB  1 
ATOM   382 C CG  . LYS A 1 65 ? -8.427  -2.923 8.424   1.00 36.72  ? 65  LYS A CG  1 
ATOM   383 C CD  . LYS A 1 65 ? -8.912  -4.175 7.692   1.00 41.37  ? 65  LYS A CD  1 
ATOM   384 C CE  . LYS A 1 65 ? -10.051 -3.975 6.691   1.00 47.32  ? 65  LYS A CE  1 
ATOM   385 N NZ  . LYS A 1 65 ? -10.838 -2.724 6.862   1.00 48.58  ? 65  LYS A NZ  1 
ATOM   386 N N   . VAL A 1 66 ? -4.385  -3.084 10.534  1.00 24.55  ? 66  VAL A N   1 
ATOM   387 C CA  . VAL A 1 66 ? -3.343  -3.569 11.427  1.00 27.69  ? 66  VAL A CA  1 
ATOM   388 C C   . VAL A 1 66 ? -2.962  -2.497 12.453  1.00 31.83  ? 66  VAL A C   1 
ATOM   389 O O   . VAL A 1 66 ? -2.747  -2.798 13.645  1.00 30.80  ? 66  VAL A O   1 
ATOM   390 C CB  . VAL A 1 66 ? -2.089  -3.977 10.625  1.00 27.76  ? 66  VAL A CB  1 
ATOM   391 C CG1 . VAL A 1 66 ? -0.848  -4.201 11.488  1.00 29.07  ? 66  VAL A CG1 1 
ATOM   392 C CG2 . VAL A 1 66 ? -2.379  -5.193 9.801   1.00 29.27  ? 66  VAL A CG2 1 
ATOM   393 N N   . ILE A 1 67 ? -2.806  -1.269 11.985  1.00 27.79  ? 67  ILE A N   1 
ATOM   394 C CA  . ILE A 1 67 ? -2.428  -0.179 12.849  1.00 28.22  ? 67  ILE A CA  1 
ATOM   395 C C   . ILE A 1 67 ? -3.549  0.105  13.830  1.00 27.49  ? 67  ILE A C   1 
ATOM   396 O O   . ILE A 1 67 ? -3.308  0.284  15.013  1.00 27.57  ? 67  ILE A O   1 
ATOM   397 C CB  . ILE A 1 67 ? -2.142  1.105  12.026  1.00 31.86  ? 67  ILE A CB  1 
ATOM   398 C CG1 . ILE A 1 67 ? -0.844  0.943  11.166  1.00 32.27  ? 67  ILE A CG1 1 
ATOM   399 C CG2 . ILE A 1 67 ? -2.099  2.402  12.904  1.00 31.04  ? 67  ILE A CG2 1 
ATOM   400 C CD1 . ILE A 1 67 ? -0.707  2.068  10.126  1.00 31.44  ? 67  ILE A CD1 1 
ATOM   401 N N   . PHE A 1 68 ? -4.763  0.194  13.323  1.00 27.70  ? 68  PHE A N   1 
ATOM   402 C CA  . PHE A 1 68 ? -5.920  0.344  14.189  1.00 29.41  ? 68  PHE A CA  1 
ATOM   403 C C   . PHE A 1 68 ? -6.028  -0.767 15.281  1.00 26.38  ? 68  PHE A C   1 
ATOM   404 O O   . PHE A 1 68 ? -6.275  -0.466 16.442  1.00 27.02  ? 68  PHE A O   1 
ATOM   405 C CB  . PHE A 1 68 ? -7.218  0.460  13.370  1.00 28.97  ? 68  PHE A CB  1 
ATOM   406 C CG  . PHE A 1 68 ? -8.375  1.005  14.163  1.00 31.05  ? 68  PHE A CG  1 
ATOM   407 C CD1 . PHE A 1 68 ? -8.570  2.345  14.310  1.00 34.64  ? 68  PHE A CD1 1 
ATOM   408 C CD2 . PHE A 1 68 ? -9.252  0.169  14.787  1.00 32.98  ? 68  PHE A CD2 1 
ATOM   409 C CE1 . PHE A 1 68 ? -9.648  2.849  15.052  1.00 30.54  ? 68  PHE A CE1 1 
ATOM   410 C CE2 . PHE A 1 68 ? -10.337 0.657  15.510  1.00 34.63  ? 68  PHE A CE2 1 
ATOM   411 C CZ  . PHE A 1 68 ? -10.518 1.996  15.660  1.00 32.47  ? 68  PHE A CZ  1 
ATOM   412 N N   . ALA A 1 69 ? -5.828  -2.027 14.924  1.00 26.96  ? 69  ALA A N   1 
ATOM   413 C CA  . ALA A 1 69 ? -5.744  -3.090 15.916  1.00 26.15  ? 69  ALA A CA  1 
ATOM   414 C C   . ALA A 1 69 ? -4.633  -2.926 16.950  1.00 27.75  ? 69  ALA A C   1 
ATOM   415 O O   . ALA A 1 69 ? -4.861  -3.024 18.146  1.00 32.56  ? 69  ALA A O   1 
ATOM   416 C CB  . ALA A 1 69 ? -5.618  -4.436 15.240  1.00 29.03  ? 69  ALA A CB  1 
ATOM   417 N N   . ASP A 1 70 ? -3.431  -2.685 16.504  1.00 28.23  ? 70  ASP A N   1 
ATOM   418 C CA  . ASP A 1 70 ? -2.324  -2.437 17.429  1.00 29.78  ? 70  ASP A CA  1 
ATOM   419 C C   . ASP A 1 70 ? -2.407  -1.224 18.359  1.00 28.72  ? 70  ASP A C   1 
ATOM   420 O O   . ASP A 1 70 ? -1.787  -1.229 19.408  1.00 31.89  ? 70  ASP A O   1 
ATOM   421 C CB  . ASP A 1 70 ? -1.032  -2.290 16.644  1.00 32.75  ? 70  ASP A CB  1 
ATOM   422 C CG  . ASP A 1 70 ? -0.622  -3.544 15.944  1.00 33.91  ? 70  ASP A CG  1 
ATOM   423 O OD1 . ASP A 1 70 ? -1.304  -4.567 16.092  1.00 36.03  ? 70  ASP A OD1 1 
ATOM   424 O OD2 . ASP A 1 70 ? 0.402   -3.457 15.201  1.00 39.67  ? 70  ASP A OD2 1 
ATOM   425 N N   . HIS A 1 71 ? -3.091  -0.162 17.939  1.00 29.95  ? 71  HIS A N   1 
ATOM   426 C CA  . HIS A 1 71 ? -3.093  1.113  18.637  1.00 27.89  ? 71  HIS A CA  1 
ATOM   427 C C   . HIS A 1 71 ? -4.500  1.613  18.836  1.00 26.17  ? 71  HIS A C   1 
ATOM   428 O O   . HIS A 1 71 ? -4.722  2.793  18.917  1.00 28.85  ? 71  HIS A O   1 
ATOM   429 C CB  . HIS A 1 71 ? -2.223  2.136  17.873  1.00 29.35  ? 71  HIS A CB  1 
ATOM   430 C CG  . HIS A 1 71 ? -0.810  1.677  17.698  1.00 34.34  ? 71  HIS A CG  1 
ATOM   431 N ND1 . HIS A 1 71 ? 0.137   1.830  18.686  1.00 40.49  ? 71  HIS A ND1 1 
ATOM   432 C CD2 . HIS A 1 71 ? -0.204  0.975  16.705  1.00 35.50  ? 71  HIS A CD2 1 
ATOM   433 C CE1 . HIS A 1 71 ? 1.269   1.254  18.315  1.00 37.67  ? 71  HIS A CE1 1 
ATOM   434 N NE2 . HIS A 1 71 ? 1.085   0.712  17.124  1.00 39.38  ? 71  HIS A NE2 1 
ATOM   435 N N   . MET A 1 72 ? -5.458  0.719  18.970  1.00 27.15  ? 72  MET A N   1 
ATOM   436 C CA  . MET A 1 72 ? -6.876  1.087  19.031  1.00 25.86  ? 72  MET A CA  1 
ATOM   437 C C   . MET A 1 72 ? -7.172  2.231  19.994  1.00 26.90  ? 72  MET A C   1 
ATOM   438 O O   . MET A 1 72 ? -7.948  3.145  19.685  1.00 26.70  ? 72  MET A O   1 
ATOM   439 C CB  . MET A 1 72 ? -7.727  -0.152 19.360  1.00 28.14  ? 72  MET A CB  1 
ATOM   440 C CG  . MET A 1 72 ? -9.197  0.141  19.356  1.00 28.31  ? 72  MET A CG  1 
ATOM   441 S SD  . MET A 1 72 ? -10.362 -1.201 19.489  1.00 32.25  ? 72  MET A SD  1 
ATOM   442 C CE  . MET A 1 72 ? -9.982  -2.185 18.033  1.00 36.14  ? 72  MET A CE  1 
ATOM   443 N N   . GLU A 1 73 ? -6.576  2.172  21.178  1.00 26.59  ? 73  GLU A N   1 
ATOM   444 C CA  . GLU A 1 73 ? -6.874  3.134  22.203  1.00 29.00  ? 73  GLU A CA  1 
ATOM   445 C C   . GLU A 1 73 ? -6.628  4.577  21.706  1.00 29.55  ? 73  GLU A C   1 
ATOM   446 O O   . GLU A 1 73 ? -7.439  5.449  21.924  1.00 30.54  ? 73  GLU A O   1 
ATOM   447 C CB  . GLU A 1 73 ? -6.004  2.892  23.427  1.00 29.64  ? 73  GLU A CB  1 
ATOM   448 C CG  . GLU A 1 73 ? -6.436  3.766  24.590  1.00 33.97  ? 73  GLU A CG  1 
ATOM   449 C CD  . GLU A 1 73 ? -5.419  3.808  25.688  1.00 34.09  ? 73  GLU A CD  1 
ATOM   450 O OE1 . GLU A 1 73 ? -4.899  2.771  26.098  1.00 42.24  ? 73  GLU A OE1 1 
ATOM   451 O OE2 . GLU A 1 73 ? -5.165  4.874  26.164  1.00 38.42  ? 73  GLU A OE2 1 
ATOM   452 N N   . SER A 1 74 ? -5.469  4.770  21.096  1.00 32.37  ? 74  SER A N   1 
ATOM   453 C CA  . SER A 1 74 ? -5.021  6.055  20.545  1.00 36.66  ? 74  SER A CA  1 
ATOM   454 C C   . SER A 1 74 ? -5.507  6.364  19.124  1.00 34.06  ? 74  SER A C   1 
ATOM   455 O O   . SER A 1 74 ? -5.561  7.507  18.773  1.00 39.03  ? 74  SER A O   1 
ATOM   456 C CB  . SER A 1 74 ? -3.494  6.155  20.610  1.00 35.01  ? 74  SER A CB  1 
ATOM   457 O OG  . SER A 1 74 ? -2.940  5.258  19.707  1.00 39.92  ? 74  SER A OG  1 
ATOM   458 N N   . CYS A 1 75 ? -5.923  5.366  18.362  1.00 31.78  ? 75  CYS A N   1 
ATOM   459 C CA  . CYS A 1 75 ? -6.586  5.575  17.101  1.00 33.48  ? 75  CYS A CA  1 
ATOM   460 C C   . CYS A 1 75 ? -8.016  6.033  17.254  1.00 35.97  ? 75  CYS A C   1 
ATOM   461 O O   . CYS A 1 75 ? -8.506  6.723  16.366  1.00 39.12  ? 75  CYS A O   1 
ATOM   462 C CB  . CYS A 1 75 ? -6.598  4.296  16.228  1.00 35.85  ? 75  CYS A CB  1 
ATOM   463 S SG  . CYS A 1 75 ? -4.996  3.553  15.909  1.00 33.58  ? 75  CYS A SG  1 
ATOM   464 N N   . LEU A 1 76 ? -8.723  5.645  18.314  1.00 35.75  ? 76  LEU A N   1 
ATOM   465 C CA  . LEU A 1 76 ? -10.159 6.019  18.437  1.00 35.71  ? 76  LEU A CA  1 
ATOM   466 C C   . LEU A 1 76 ? -10.378 7.542  18.565  1.00 31.43  ? 76  LEU A C   1 
ATOM   467 O O   . LEU A 1 76 ? -9.461  8.239  19.039  1.00 34.54  ? 76  LEU A O   1 
ATOM   468 C CB  . LEU A 1 76 ? -10.818 5.266  19.599  1.00 34.56  ? 76  LEU A CB  1 
ATOM   469 C CG  . LEU A 1 76 ? -11.066 3.763  19.403  1.00 37.18  ? 76  LEU A CG  1 
ATOM   470 C CD1 . LEU A 1 76 ? -11.342 3.044  20.723  1.00 34.97  ? 76  LEU A CD1 1 
ATOM   471 C CD2 . LEU A 1 76 ? -12.223 3.531  18.453  1.00 38.75  ? 76  LEU A CD2 1 
HETATM 472 O O   . HOH B 2 .  ? 9.518   0.015  -7.255  1.00 34.23  ? 201 HOH A O   1 
HETATM 473 O O   . HOH B 2 .  ? -8.994  1.462  5.311   1.00 39.15  ? 202 HOH A O   1 
HETATM 474 O O   . HOH B 2 .  ? -8.036  0.256  -10.285 1.00 26.15  ? 203 HOH A O   1 
HETATM 475 O O   . HOH B 2 .  ? -8.716  -2.349 -3.885  1.00 25.33  ? 204 HOH A O   1 
HETATM 476 O O   . HOH B 2 .  ? 6.838   -1.795 -20.437 1.00 46.69  ? 205 HOH A O   1 
HETATM 477 O O   . HOH B 2 .  ? -5.912  -6.071 -8.016  1.00 35.94  ? 206 HOH A O   1 
HETATM 478 O O   . HOH B 2 .  ? -0.504  -7.100 -7.324  1.00 26.55  ? 207 HOH A O   1 
HETATM 479 O O   . HOH B 2 .  ? 2.269   -1.369 15.241  1.00 29.82  ? 208 HOH A O   1 
HETATM 480 O O   . HOH B 2 .  ? -4.323  9.851  19.376  1.00 42.07  ? 209 HOH A O   1 
HETATM 481 O O   . HOH B 2 .  ? -8.409  -3.520 12.795  1.00 29.41  ? 210 HOH A O   1 
HETATM 482 O O   . HOH B 2 .  ? 0.881   -4.000 -20.375 1.00 35.85  ? 211 HOH A O   1 
HETATM 483 O O   . HOH B 2 .  ? -7.782  -4.504 -14.704 1.00 44.02  ? 212 HOH A O   1 
HETATM 484 O O   . HOH B 2 .  ? -6.811  0.886  26.669  1.00 24.40  ? 213 HOH A O   1 
HETATM 485 O O   . HOH B 2 .  ? 7.114   -3.403 -3.238  1.00 32.28  ? 214 HOH A O   1 
HETATM 486 O O   . HOH B 2 .  ? 11.172  5.935  -10.721 1.00 44.36  ? 215 HOH A O   1 
HETATM 487 O O   . HOH B 2 .  ? -2.973  -6.028 -2.198  1.00 28.08  ? 216 HOH A O   1 
HETATM 488 O O   . HOH B 2 .  ? 2.621   6.780  -21.058 1.00 32.91  ? 217 HOH A O   1 
HETATM 489 O O   . HOH B 2 .  ? 5.264   -5.263 -14.331 1.00 36.78  ? 218 HOH A O   1 
HETATM 490 O O   . HOH B 2 .  ? -9.683  -0.314 -5.707  1.00 28.30  ? 219 HOH A O   1 
HETATM 491 O O   . HOH B 2 .  ? -5.251  -6.204 7.972   1.00 40.26  ? 220 HOH A O   1 
HETATM 492 O O   . HOH B 2 .  ? 10.040  -0.642 -9.856  1.00 53.70  ? 221 HOH A O   1 
HETATM 493 O O   . HOH B 2 .  ? 6.971   -1.119 -13.422 1.00 42.57  ? 222 HOH A O   1 
HETATM 494 O O   . HOH B 2 .  ? -0.202  -5.968 -13.725 1.00 29.25  ? 223 HOH A O   1 
HETATM 495 O O   . HOH B 2 .  ? -8.128  8.366  21.614  1.00 49.85  ? 224 HOH A O   1 
HETATM 496 O O   . HOH B 2 .  ? -2.563  2.998  21.541  1.00 48.10  ? 225 HOH A O   1 
HETATM 497 O O   . HOH B 2 .  ? -10.889 5.910  -1.001  1.00 30.77  ? 226 HOH A O   1 
HETATM 498 O O   . HOH B 2 .  ? -4.002  0.216  24.918  1.00 29.40  ? 227 HOH A O   1 
HETATM 499 O O   . HOH B 2 .  ? 9.253   10.488 -9.620  1.00 52.91  ? 228 HOH A O   1 
HETATM 500 O O   . HOH B 2 .  ? 6.821   -6.603 13.263  1.00 43.11  ? 229 HOH A O   1 
HETATM 501 O O   . HOH B 2 .  ? -3.165  -6.939 0.648   1.00 43.14  ? 230 HOH A O   1 
HETATM 502 O O   . HOH B 2 .  ? -4.489  0.119  22.144  1.00 26.33  ? 231 HOH A O   1 
HETATM 503 O O   . HOH B 2 .  ? -7.390  -6.912 6.042   1.00 63.98  ? 232 HOH A O   1 
HETATM 504 O O   . HOH B 2 .  ? 8.660   -4.888 15.684  1.00 56.86  ? 233 HOH A O   1 
HETATM 505 O O   . HOH B 2 .  ? -2.354  -3.576 21.582  1.00 49.20  ? 234 HOH A O   1 
HETATM 506 O O   . HOH B 2 .  ? -12.353 8.584  17.576  1.00 69.03  ? 235 HOH A O   1 
HETATM 507 O O   . HOH B 2 .  ? -0.645  -5.493 6.325   1.00 46.87  ? 236 HOH A O   1 
HETATM 508 O O   . HOH B 2 .  ? 2.539   -6.431 -14.180 1.00 40.07  ? 237 HOH A O   1 
HETATM 509 O O   . HOH B 2 .  ? -6.601  -6.143 -5.292  1.00 35.57  ? 238 HOH A O   1 
HETATM 510 O O   . HOH B 2 .  ? 1.192   -4.185 7.295   1.00 45.40  ? 239 HOH A O   1 
HETATM 511 O O   . HOH B 2 .  ? -9.837  -3.368 0.337   1.00 41.39  ? 240 HOH A O   1 
HETATM 512 O O   . HOH B 2 .  ? -1.571  -7.882 -15.337 1.00 40.29  ? 241 HOH A O   1 
HETATM 513 O O   . HOH B 2 .  ? -8.721  1.116  -7.586  1.00 29.79  ? 242 HOH A O   1 
HETATM 514 O O   . HOH B 2 .  ? -9.166  1.206  10.018  1.00 61.14  ? 243 HOH A O   1 
HETATM 515 O O   . HOH B 2 .  ? -4.214  -7.620 -4.132  1.00 48.99  ? 244 HOH A O   1 
HETATM 516 O O   . HOH B 2 .  ? -4.464  -7.610 15.084  1.00 43.97  ? 245 HOH A O   1 
HETATM 517 O O   . HOH B 2 .  ? 6.660   -3.555 -12.474 1.00 40.91  ? 246 HOH A O   1 
HETATM 518 O O   . HOH B 2 .  ? 9.386   -3.674 -12.006 1.00 62.32  ? 247 HOH A O   1 
HETATM 519 O O   . HOH B 2 .  ? -6.798  -7.799 -20.268 1.00 51.49  ? 248 HOH A O   1 
# 
